data_7RSP
#
_entry.id   7RSP
#
_cell.length_a   64.320
_cell.length_b   117.910
_cell.length_c   90.400
_cell.angle_alpha   90.000
_cell.angle_beta   109.540
_cell.angle_gamma   90.000
#
_symmetry.space_group_name_H-M   'P 1 21 1'
#
loop_
_entity.id
_entity.type
_entity.pdbx_description
1 polymer 'Phosphatidylinositol 3-kinase catalytic subunit type 3'
2 non-polymer GLYCEROL
3 non-polymer (7R,8R)-2-[(3R)-3-methylmorpholin-4-yl]-7-(propan-2-yl)-6,7-dihydropyrazolo[1,5-a]pyrazin-4(5H)-one
4 water water
#
_entity_poly.entity_id   1
_entity_poly.type   'polypeptide(L)'
_entity_poly.pdbx_seq_one_letter_code
;HHHHHHGENLYFQGSDHDLKPNAATRDQLNIIVSYPPTKQLTYEEQDLVWKFRYYLTNQEKALTKFLKCVNWDLPQEAKQ
ALELLGKWKPMDVEDSLELLSSHYTNPTVRRYAVARLRQADDEDLLMYLLQLVQALKYENFDDIKNGLEPTKKDSQSSVS
ENVSNSGINSAEIDSSQIITSPLPSVSSPPPASKTKEVPDGENLEQDLCTFLISRACKNSTLANYLYWYVIVECEDQDTQ
QRDPKTHEMYLNVMRRFSQALLKGDKSVRVMRSLLAAQQTFVDRLVHLMKAVQRESGNRKKKNERLQALLGDNEKMNLSD
VELIPLPLEPQVKIRGIIPETATLFKSALMPAQLFFKTEDGGKYPVIFKHGDDLRQDQLILQIISLMDKLLRKENLDLKL
TPYKVLATSTKHGFMQFIQSVPVAEVLDTEGSIQNFFRKYAPSENGPNGISAEVMDTYVKSCAGYCVITYILGVGDRHLD
NLLLTKTGKLFHIDFGYILGRDPKPLPPPMKLNKEMVEGMGGTQSEQYQEFRKQCYTAFLHLRRYSNLILNLFSLMVDAN
IPDIALEPDKTVKKVQDKFRLDLSDEEAVHYMQSLIDESVHALFAAVVEQIH
;
_entity_poly.pdbx_strand_id   A,B
#
# COMPACT_ATOMS: atom_id res chain seq x y z
N LEU A 19 -32.65 25.10 -38.79
CA LEU A 19 -32.83 26.16 -37.80
C LEU A 19 -33.66 25.69 -36.62
N LYS A 20 -34.40 24.59 -36.80
CA LYS A 20 -35.23 24.02 -35.75
C LYS A 20 -35.27 22.51 -35.91
N PRO A 21 -34.98 21.76 -34.85
CA PRO A 21 -34.95 20.30 -34.95
C PRO A 21 -36.29 19.67 -34.55
N ASN A 22 -36.40 18.37 -34.84
CA ASN A 22 -37.59 17.61 -34.53
C ASN A 22 -37.46 16.93 -33.18
N ALA A 23 -38.49 16.19 -32.78
CA ALA A 23 -38.50 15.54 -31.48
C ALA A 23 -37.31 14.60 -31.31
N ALA A 24 -37.09 13.72 -32.30
CA ALA A 24 -35.97 12.80 -32.22
C ALA A 24 -34.65 13.56 -32.09
N THR A 25 -34.46 14.60 -32.90
CA THR A 25 -33.24 15.39 -32.79
C THR A 25 -33.15 16.10 -31.45
N ARG A 26 -34.28 16.64 -30.97
CA ARG A 26 -34.28 17.32 -29.68
C ARG A 26 -33.85 16.39 -28.56
N ASP A 27 -34.37 15.16 -28.55
CA ASP A 27 -33.99 14.21 -27.50
C ASP A 27 -32.52 13.83 -27.60
N GLN A 28 -31.96 13.80 -28.81
CA GLN A 28 -30.54 13.55 -28.96
C GLN A 28 -29.73 14.73 -28.44
N LEU A 29 -30.05 15.93 -28.90
CA LEU A 29 -29.34 17.12 -28.41
C LEU A 29 -29.47 17.25 -26.91
N ASN A 30 -30.64 16.92 -26.35
CA ASN A 30 -30.83 17.01 -24.92
C ASN A 30 -29.90 16.05 -24.18
N ILE A 31 -29.71 14.84 -24.72
CA ILE A 31 -28.78 13.89 -24.11
C ILE A 31 -27.35 14.41 -24.21
N ILE A 32 -26.96 14.90 -25.39
CA ILE A 32 -25.63 15.47 -25.56
C ILE A 32 -25.41 16.58 -24.54
N VAL A 33 -26.37 17.49 -24.42
CA VAL A 33 -26.24 18.60 -23.47
C VAL A 33 -26.12 18.08 -22.04
N SER A 34 -26.64 16.89 -21.77
CA SER A 34 -26.59 16.32 -20.44
C SER A 34 -25.26 15.67 -20.10
N TYR A 35 -24.36 15.52 -21.08
CA TYR A 35 -23.12 14.79 -20.88
C TYR A 35 -22.31 15.42 -19.74
N PRO A 36 -21.50 14.62 -19.06
CA PRO A 36 -20.54 15.18 -18.09
C PRO A 36 -19.55 16.08 -18.81
N PRO A 37 -18.90 16.99 -18.08
CA PRO A 37 -18.14 18.06 -18.76
C PRO A 37 -16.96 17.56 -19.59
N THR A 38 -16.31 16.46 -19.20
CA THR A 38 -15.13 16.00 -19.92
C THR A 38 -15.39 14.79 -20.81
N LYS A 39 -16.66 14.44 -21.04
CA LYS A 39 -16.97 13.38 -21.99
C LYS A 39 -16.72 13.88 -23.41
N GLN A 40 -15.98 13.10 -24.19
CA GLN A 40 -15.65 13.50 -25.55
C GLN A 40 -16.85 13.30 -26.47
N LEU A 41 -17.17 14.32 -27.25
CA LEU A 41 -18.24 14.23 -28.24
C LEU A 41 -17.74 13.50 -29.48
N THR A 42 -18.59 12.64 -30.03
CA THR A 42 -18.28 12.03 -31.31
C THR A 42 -18.35 13.07 -32.42
N TYR A 43 -17.78 12.73 -33.58
CA TYR A 43 -17.86 13.63 -34.73
C TYR A 43 -19.31 13.91 -35.10
N GLU A 44 -20.16 12.88 -35.03
CA GLU A 44 -21.58 13.07 -35.35
C GLU A 44 -22.23 14.04 -34.37
N GLU A 45 -21.89 13.94 -33.08
CA GLU A 45 -22.46 14.85 -32.09
C GLU A 45 -21.94 16.26 -32.29
N GLN A 46 -20.64 16.40 -32.57
CA GLN A 46 -20.10 17.72 -32.92
C GLN A 46 -20.82 18.30 -34.13
N ASP A 47 -21.07 17.47 -35.15
CA ASP A 47 -21.82 17.93 -36.32
C ASP A 47 -23.23 18.37 -35.92
N LEU A 48 -23.89 17.60 -35.04
CA LEU A 48 -25.27 17.92 -34.67
C LEU A 48 -25.34 19.19 -33.84
N VAL A 49 -24.47 19.30 -32.84
CA VAL A 49 -24.44 20.53 -32.02
C VAL A 49 -24.18 21.74 -32.90
N TRP A 50 -23.22 21.64 -33.82
CA TRP A 50 -22.94 22.75 -34.72
C TRP A 50 -24.14 23.05 -35.59
N LYS A 51 -24.78 22.03 -36.14
CA LYS A 51 -25.92 22.23 -37.03
C LYS A 51 -26.97 23.11 -36.39
N PHE A 52 -27.37 22.77 -35.16
CA PHE A 52 -28.42 23.47 -34.44
C PHE A 52 -27.87 24.44 -33.40
N ARG A 53 -26.71 25.06 -33.68
CA ARG A 53 -26.13 25.98 -32.72
C ARG A 53 -27.05 27.17 -32.46
N TYR A 54 -27.72 27.66 -33.51
CA TYR A 54 -28.61 28.81 -33.32
C TYR A 54 -29.84 28.43 -32.50
N TYR A 55 -30.35 27.21 -32.69
CA TYR A 55 -31.45 26.73 -31.85
C TYR A 55 -31.01 26.62 -30.39
N LEU A 56 -29.76 26.23 -30.17
CA LEU A 56 -29.25 25.97 -28.82
C LEU A 56 -28.86 27.22 -28.06
N THR A 57 -28.86 28.40 -28.71
CA THR A 57 -28.47 29.62 -28.01
C THR A 57 -29.41 29.98 -26.87
N ASN A 58 -30.59 29.36 -26.80
CA ASN A 58 -31.53 29.63 -25.72
C ASN A 58 -31.36 28.68 -24.54
N GLN A 59 -30.42 27.75 -24.61
CA GLN A 59 -30.14 26.80 -23.53
C GLN A 59 -28.74 27.08 -22.99
N GLU A 60 -28.68 27.64 -21.79
CA GLU A 60 -27.38 27.98 -21.20
C GLU A 60 -26.53 26.73 -20.97
N LYS A 61 -27.17 25.57 -20.79
CA LYS A 61 -26.43 24.34 -20.58
C LYS A 61 -25.78 23.81 -21.85
N ALA A 62 -26.21 24.29 -23.02
CA ALA A 62 -25.65 23.83 -24.28
C ALA A 62 -24.37 24.56 -24.67
N LEU A 63 -24.09 25.71 -24.05
CA LEU A 63 -22.96 26.53 -24.48
C LEU A 63 -21.64 25.76 -24.38
N THR A 64 -21.41 25.09 -23.25
CA THR A 64 -20.16 24.34 -23.10
C THR A 64 -20.02 23.27 -24.18
N LYS A 65 -21.13 22.61 -24.53
CA LYS A 65 -21.07 21.61 -25.59
C LYS A 65 -20.75 22.25 -26.93
N PHE A 66 -21.35 23.40 -27.23
CA PHE A 66 -21.04 24.09 -28.49
C PHE A 66 -19.56 24.44 -28.55
N LEU A 67 -19.03 25.04 -27.49
CA LEU A 67 -17.63 25.44 -27.48
C LEU A 67 -16.72 24.23 -27.67
N LYS A 68 -17.11 23.07 -27.17
CA LYS A 68 -16.31 21.87 -27.32
C LYS A 68 -16.28 21.36 -28.75
N CYS A 69 -17.28 21.71 -29.56
N CYS A 69 -17.28 21.73 -29.56
CA CYS A 69 -17.33 21.26 -30.95
CA CYS A 69 -17.37 21.27 -30.94
C CYS A 69 -16.51 22.16 -31.88
C CYS A 69 -16.71 22.24 -31.92
N VAL A 70 -16.22 23.39 -31.47
CA VAL A 70 -15.59 24.36 -32.35
C VAL A 70 -14.15 23.96 -32.63
N ASN A 71 -13.73 24.12 -33.89
CA ASN A 71 -12.33 23.98 -34.28
C ASN A 71 -11.68 25.36 -34.13
N TRP A 72 -11.06 25.59 -32.99
CA TRP A 72 -10.51 26.90 -32.70
C TRP A 72 -9.28 27.23 -33.53
N ASP A 73 -8.79 26.30 -34.33
CA ASP A 73 -7.65 26.54 -35.21
C ASP A 73 -8.07 27.03 -36.59
N LEU A 74 -9.38 27.15 -36.85
CA LEU A 74 -9.86 27.72 -38.10
C LEU A 74 -10.37 29.12 -37.83
N PRO A 75 -9.66 30.17 -38.27
CA PRO A 75 -10.05 31.53 -37.88
C PRO A 75 -11.51 31.88 -38.14
N GLN A 76 -12.04 31.51 -39.32
CA GLN A 76 -13.43 31.85 -39.62
C GLN A 76 -14.38 31.15 -38.66
N GLU A 77 -14.13 29.88 -38.34
CA GLU A 77 -14.99 29.16 -37.41
C GLU A 77 -14.89 29.74 -36.02
N ALA A 78 -13.67 30.01 -35.55
CA ALA A 78 -13.51 30.65 -34.24
C ALA A 78 -14.25 31.97 -34.19
N LYS A 79 -14.16 32.77 -35.25
CA LYS A 79 -14.85 34.06 -35.28
C LYS A 79 -16.36 33.89 -35.17
N GLN A 80 -16.92 32.93 -35.91
CA GLN A 80 -18.35 32.67 -35.81
C GLN A 80 -18.72 32.14 -34.43
N ALA A 81 -17.89 31.24 -33.88
CA ALA A 81 -18.16 30.73 -32.53
C ALA A 81 -18.17 31.85 -31.51
N LEU A 82 -17.20 32.76 -31.57
CA LEU A 82 -17.17 33.89 -30.66
C LEU A 82 -18.39 34.78 -30.84
N GLU A 83 -18.89 34.93 -32.07
CA GLU A 83 -20.11 35.69 -32.29
C GLU A 83 -21.29 35.03 -31.60
N LEU A 84 -21.41 33.70 -31.72
CA LEU A 84 -22.48 33.00 -31.03
C LEU A 84 -22.30 33.04 -29.53
N LEU A 85 -21.05 33.02 -29.06
CA LEU A 85 -20.80 33.13 -27.63
C LEU A 85 -21.41 34.40 -27.06
N GLY A 86 -21.29 35.52 -27.78
CA GLY A 86 -21.85 36.76 -27.30
C GLY A 86 -23.37 36.77 -27.25
N LYS A 87 -24.00 35.96 -28.09
CA LYS A 87 -25.46 35.89 -28.16
C LYS A 87 -26.04 34.76 -27.34
N TRP A 88 -25.21 33.85 -26.82
CA TRP A 88 -25.72 32.69 -26.10
C TRP A 88 -26.28 33.10 -24.74
N LYS A 89 -27.35 32.45 -24.33
CA LYS A 89 -27.84 32.60 -22.97
C LYS A 89 -26.70 32.26 -22.02
N PRO A 90 -26.27 33.17 -21.17
CA PRO A 90 -25.05 32.95 -20.37
C PRO A 90 -25.15 31.68 -19.54
N MET A 91 -24.08 30.89 -19.57
CA MET A 91 -24.01 29.68 -18.77
C MET A 91 -23.97 30.01 -17.29
N ASP A 92 -24.42 29.07 -16.47
CA ASP A 92 -24.33 29.24 -15.02
C ASP A 92 -22.89 29.49 -14.61
N VAL A 93 -22.70 30.31 -13.58
CA VAL A 93 -21.36 30.71 -13.17
C VAL A 93 -20.48 29.48 -12.96
N GLU A 94 -21.00 28.48 -12.24
CA GLU A 94 -20.19 27.30 -11.93
C GLU A 94 -19.70 26.61 -13.20
N ASP A 95 -20.54 26.57 -14.24
CA ASP A 95 -20.17 25.88 -15.47
C ASP A 95 -18.95 26.49 -16.15
N SER A 96 -18.64 27.76 -15.84
CA SER A 96 -17.53 28.43 -16.51
C SER A 96 -16.18 27.82 -16.15
N LEU A 97 -16.10 27.05 -15.06
CA LEU A 97 -14.83 26.41 -14.71
C LEU A 97 -14.33 25.51 -15.83
N GLU A 98 -15.24 24.89 -16.57
CA GLU A 98 -14.84 24.04 -17.69
C GLU A 98 -14.02 24.81 -18.72
N LEU A 99 -14.33 26.09 -18.91
CA LEU A 99 -13.66 26.90 -19.93
C LEU A 99 -12.24 27.28 -19.55
N LEU A 100 -11.82 27.03 -18.31
CA LEU A 100 -10.47 27.33 -17.87
C LEU A 100 -9.58 26.10 -17.81
N SER A 101 -10.08 24.96 -18.28
CA SER A 101 -9.30 23.73 -18.32
C SER A 101 -8.31 23.77 -19.48
N SER A 102 -7.46 22.74 -19.53
CA SER A 102 -6.43 22.66 -20.57
C SER A 102 -7.01 22.66 -21.98
N HIS A 103 -8.30 22.39 -22.13
CA HIS A 103 -8.87 22.23 -23.46
C HIS A 103 -8.91 23.55 -24.24
N TYR A 104 -9.02 24.67 -23.55
CA TYR A 104 -9.29 25.95 -24.18
C TYR A 104 -8.05 26.83 -24.17
N THR A 105 -7.58 27.20 -25.36
CA THR A 105 -6.52 28.18 -25.53
C THR A 105 -7.01 29.50 -26.09
N ASN A 106 -8.23 29.55 -26.63
CA ASN A 106 -8.75 30.79 -27.19
C ASN A 106 -8.90 31.84 -26.10
N PRO A 107 -8.22 32.99 -26.21
CA PRO A 107 -8.26 33.97 -25.12
C PRO A 107 -9.66 34.49 -24.83
N THR A 108 -10.47 34.72 -25.86
CA THR A 108 -11.81 35.24 -25.63
C THR A 108 -12.68 34.25 -24.86
N VAL A 109 -12.51 32.96 -25.10
CA VAL A 109 -13.24 31.95 -24.34
C VAL A 109 -12.82 31.99 -22.88
N ARG A 110 -11.50 32.05 -22.63
CA ARG A 110 -11.02 32.06 -21.26
C ARG A 110 -11.37 33.35 -20.53
N ARG A 111 -11.43 34.48 -21.25
N ARG A 111 -11.47 34.47 -21.25
CA ARG A 111 -11.92 35.71 -20.66
CA ARG A 111 -11.91 35.71 -20.61
C ARG A 111 -13.39 35.58 -20.29
C ARG A 111 -13.42 35.71 -20.35
N TYR A 112 -14.19 35.01 -21.20
CA TYR A 112 -15.62 34.84 -20.92
C TYR A 112 -15.82 34.04 -19.65
N ALA A 113 -15.00 33.01 -19.44
CA ALA A 113 -15.08 32.23 -18.19
C ALA A 113 -14.80 33.12 -16.99
N VAL A 114 -13.73 33.90 -17.05
CA VAL A 114 -13.43 34.83 -15.96
C VAL A 114 -14.59 35.79 -15.75
N ALA A 115 -15.20 36.26 -16.84
CA ALA A 115 -16.33 37.17 -16.72
C ALA A 115 -17.51 36.53 -16.01
N ARG A 116 -17.72 35.22 -16.21
CA ARG A 116 -18.76 34.53 -15.46
C ARG A 116 -18.36 34.35 -14.01
N LEU A 117 -17.08 34.03 -13.76
CA LEU A 117 -16.61 33.83 -12.39
C LEU A 117 -16.63 35.14 -11.61
N ARG A 118 -16.51 36.28 -12.28
CA ARG A 118 -16.64 37.56 -11.58
C ARG A 118 -17.98 37.67 -10.86
N GLN A 119 -18.99 36.93 -11.30
CA GLN A 119 -20.32 36.98 -10.70
C GLN A 119 -20.46 36.10 -9.47
N ALA A 120 -19.50 35.22 -9.21
CA ALA A 120 -19.54 34.39 -8.01
C ALA A 120 -19.18 35.22 -6.78
N ASP A 121 -19.83 34.93 -5.65
CA ASP A 121 -19.48 35.64 -4.43
C ASP A 121 -18.18 35.09 -3.87
N ASP A 122 -17.64 35.78 -2.86
CA ASP A 122 -16.35 35.40 -2.31
C ASP A 122 -16.37 34.00 -1.73
N GLU A 123 -17.48 33.63 -1.09
CA GLU A 123 -17.58 32.31 -0.48
C GLU A 123 -17.46 31.22 -1.53
N ASP A 124 -18.20 31.36 -2.65
CA ASP A 124 -18.10 30.38 -3.72
C ASP A 124 -16.71 30.37 -4.35
N LEU A 125 -16.16 31.55 -4.61
CA LEU A 125 -14.83 31.63 -5.23
C LEU A 125 -13.79 30.91 -4.39
N LEU A 126 -13.86 31.06 -3.06
CA LEU A 126 -12.93 30.35 -2.20
C LEU A 126 -13.04 28.84 -2.40
N MET A 127 -14.26 28.34 -2.64
CA MET A 127 -14.45 26.91 -2.85
C MET A 127 -13.77 26.41 -4.11
N TYR A 128 -13.54 27.28 -5.10
CA TYR A 128 -12.88 26.89 -6.35
C TYR A 128 -11.42 27.35 -6.41
N LEU A 129 -10.96 28.12 -5.42
CA LEU A 129 -9.69 28.83 -5.58
C LEU A 129 -8.52 27.88 -5.76
N LEU A 130 -8.49 26.78 -4.99
CA LEU A 130 -7.42 25.81 -5.14
C LEU A 130 -7.29 25.35 -6.59
N GLN A 131 -8.43 25.05 -7.23
CA GLN A 131 -8.39 24.57 -8.61
C GLN A 131 -8.04 25.69 -9.58
N LEU A 132 -8.54 26.90 -9.33
CA LEU A 132 -8.24 28.02 -10.22
C LEU A 132 -6.76 28.36 -10.21
N VAL A 133 -6.08 28.16 -9.08
CA VAL A 133 -4.64 28.38 -9.04
C VAL A 133 -3.93 27.36 -9.92
N GLN A 134 -4.41 26.11 -9.92
CA GLN A 134 -3.88 25.12 -10.86
C GLN A 134 -4.17 25.53 -12.29
N ALA A 135 -5.34 26.14 -12.54
CA ALA A 135 -5.73 26.52 -13.88
C ALA A 135 -4.83 27.59 -14.48
N LEU A 136 -4.05 28.30 -13.65
CA LEU A 136 -3.12 29.28 -14.18
C LEU A 136 -2.12 28.64 -15.14
N LYS A 137 -1.89 27.34 -15.00
CA LYS A 137 -0.99 26.63 -15.89
C LYS A 137 -1.44 26.71 -17.35
N TYR A 138 -2.73 26.94 -17.58
CA TYR A 138 -3.29 26.96 -18.92
C TYR A 138 -3.49 28.37 -19.46
N GLU A 139 -3.02 29.38 -18.74
CA GLU A 139 -3.15 30.77 -19.17
C GLU A 139 -1.93 31.16 -20.01
N ASN A 140 -1.92 32.43 -20.44
CA ASN A 140 -0.83 32.96 -21.25
C ASN A 140 0.27 33.46 -20.31
N PHE A 141 1.39 32.72 -20.26
CA PHE A 141 2.47 33.08 -19.34
C PHE A 141 3.08 34.43 -19.67
N ASP A 142 3.05 34.83 -20.94
CA ASP A 142 3.61 36.13 -21.30
C ASP A 142 2.72 37.27 -20.80
N ASP A 143 1.40 37.09 -20.87
CA ASP A 143 0.49 38.09 -20.34
C ASP A 143 0.70 38.28 -18.84
N ILE A 144 0.84 37.17 -18.11
CA ILE A 144 1.08 37.26 -16.67
C ILE A 144 2.37 38.00 -16.40
N LYS A 145 3.44 37.64 -17.12
CA LYS A 145 4.74 38.29 -16.92
C LYS A 145 4.68 39.75 -17.31
N ASN A 146 4.07 40.06 -18.46
CA ASN A 146 4.06 41.43 -18.96
C ASN A 146 3.20 42.35 -18.10
N GLY A 147 2.35 41.79 -17.24
CA GLY A 147 1.55 42.62 -16.35
C GLY A 147 2.33 43.30 -15.25
N LEU A 148 3.60 42.93 -15.08
CA LEU A 148 4.44 43.53 -14.04
C LEU A 148 4.89 44.92 -14.44
N GLN A 206 -10.17 41.19 -18.15
CA GLN A 206 -9.44 40.49 -17.09
C GLN A 206 -9.17 39.04 -17.46
N ASP A 207 -7.90 38.63 -17.38
CA ASP A 207 -7.57 37.22 -17.47
C ASP A 207 -7.63 36.62 -16.07
N LEU A 208 -7.29 35.33 -15.95
CA LEU A 208 -7.46 34.63 -14.68
C LEU A 208 -6.56 35.20 -13.60
N CYS A 209 -5.29 35.45 -13.92
CA CYS A 209 -4.37 36.00 -12.91
C CYS A 209 -4.85 37.35 -12.42
N THR A 210 -5.16 38.27 -13.35
CA THR A 210 -5.64 39.59 -12.96
C THR A 210 -6.90 39.49 -12.11
N PHE A 211 -7.80 38.57 -12.45
CA PHE A 211 -9.05 38.44 -11.73
C PHE A 211 -8.82 37.97 -10.30
N LEU A 212 -8.03 36.89 -10.14
CA LEU A 212 -7.76 36.36 -8.80
C LEU A 212 -7.10 37.41 -7.92
N ILE A 213 -6.11 38.13 -8.44
CA ILE A 213 -5.47 39.18 -7.66
C ILE A 213 -6.48 40.25 -7.29
N SER A 214 -7.30 40.68 -8.25
CA SER A 214 -8.31 41.69 -7.98
C SER A 214 -9.22 41.28 -6.84
N ARG A 215 -9.73 40.05 -6.88
CA ARG A 215 -10.61 39.59 -5.82
C ARG A 215 -9.88 39.48 -4.49
N ALA A 216 -8.62 39.05 -4.52
CA ALA A 216 -7.85 38.92 -3.28
C ALA A 216 -7.63 40.26 -2.61
N CYS A 217 -7.43 41.33 -3.38
CA CYS A 217 -7.21 42.64 -2.79
C CYS A 217 -8.48 43.21 -2.15
N LYS A 218 -9.65 42.61 -2.42
CA LYS A 218 -10.90 43.04 -1.84
C LYS A 218 -11.41 42.11 -0.74
N ASN A 219 -10.68 41.03 -0.43
CA ASN A 219 -11.13 40.05 0.56
C ASN A 219 -9.91 39.41 1.19
N SER A 220 -9.70 39.67 2.49
CA SER A 220 -8.49 39.19 3.16
C SER A 220 -8.44 37.66 3.21
N THR A 221 -9.60 37.00 3.32
CA THR A 221 -9.59 35.53 3.31
C THR A 221 -9.13 35.00 1.97
N LEU A 222 -9.66 35.54 0.87
CA LEU A 222 -9.19 35.14 -0.45
C LEU A 222 -7.70 35.43 -0.62
N ALA A 223 -7.25 36.61 -0.18
CA ALA A 223 -5.83 36.93 -0.24
C ALA A 223 -5.00 35.90 0.52
N ASN A 224 -5.47 35.50 1.71
CA ASN A 224 -4.72 34.53 2.50
C ASN A 224 -4.49 33.24 1.73
N TYR A 225 -5.56 32.68 1.14
CA TYR A 225 -5.44 31.39 0.47
C TYR A 225 -4.74 31.52 -0.88
N LEU A 226 -5.01 32.61 -1.61
CA LEU A 226 -4.25 32.84 -2.84
C LEU A 226 -2.76 32.87 -2.56
N TYR A 227 -2.34 33.55 -1.49
CA TYR A 227 -0.91 33.66 -1.19
C TYR A 227 -0.31 32.28 -0.93
N TRP A 228 -0.94 31.50 -0.06
CA TRP A 228 -0.36 30.23 0.34
C TRP A 228 -0.46 29.20 -0.79
N TYR A 229 -1.56 29.20 -1.53
CA TYR A 229 -1.66 28.32 -2.69
C TYR A 229 -0.53 28.58 -3.68
N VAL A 230 -0.26 29.86 -3.97
CA VAL A 230 0.73 30.20 -4.98
C VAL A 230 2.15 29.97 -4.45
N ILE A 231 2.40 30.29 -3.18
CA ILE A 231 3.74 30.10 -2.64
C ILE A 231 4.11 28.62 -2.64
N VAL A 232 3.13 27.74 -2.45
CA VAL A 232 3.41 26.31 -2.57
C VAL A 232 3.85 25.97 -3.98
N GLU A 233 3.20 26.57 -4.99
CA GLU A 233 3.59 26.32 -6.37
C GLU A 233 4.99 26.83 -6.67
N CYS A 234 5.35 27.97 -6.08
CA CYS A 234 6.67 28.55 -6.31
C CYS A 234 7.77 27.70 -5.71
N GLU A 235 7.49 27.01 -4.60
CA GLU A 235 8.48 26.17 -3.93
C GLU A 235 8.45 24.73 -4.40
N ASP A 236 7.59 24.39 -5.38
CA ASP A 236 7.53 23.04 -5.92
C ASP A 236 8.76 22.79 -6.77
N GLN A 237 9.70 22.01 -6.24
CA GLN A 237 10.94 21.75 -6.96
C GLN A 237 10.71 20.82 -8.15
N ASP A 238 9.68 19.98 -8.09
CA ASP A 238 9.34 19.15 -9.26
C ASP A 238 8.98 20.04 -10.45
N THR A 239 8.08 21.00 -10.24
CA THR A 239 7.75 21.95 -11.30
C THR A 239 8.98 22.69 -11.78
N GLN A 240 9.84 23.13 -10.86
CA GLN A 240 11.02 23.89 -11.24
C GLN A 240 11.92 23.07 -12.16
N GLN A 241 12.06 21.77 -11.89
CA GLN A 241 12.89 20.92 -12.75
C GLN A 241 12.14 20.52 -14.02
N ARG A 242 10.89 20.07 -13.87
CA ARG A 242 10.17 19.47 -14.98
C ARG A 242 9.62 20.51 -15.94
N ASP A 243 8.95 21.53 -15.42
CA ASP A 243 8.33 22.58 -16.23
C ASP A 243 8.79 23.94 -15.74
N PRO A 244 10.03 24.33 -16.02
CA PRO A 244 10.53 25.62 -15.51
C PRO A 244 9.70 26.81 -15.93
N LYS A 245 9.13 26.80 -17.13
CA LYS A 245 8.29 27.92 -17.56
C LYS A 245 7.06 28.08 -16.67
N THR A 246 6.46 26.95 -16.25
CA THR A 246 5.33 27.02 -15.33
C THR A 246 5.77 27.49 -13.95
N HIS A 247 6.92 27.00 -13.48
CA HIS A 247 7.48 27.50 -12.22
C HIS A 247 7.71 29.01 -12.29
N GLU A 248 8.26 29.49 -13.42
CA GLU A 248 8.49 30.92 -13.57
C GLU A 248 7.17 31.69 -13.59
N MET A 249 6.14 31.12 -14.21
CA MET A 249 4.83 31.78 -14.22
C MET A 249 4.33 32.00 -12.79
N TYR A 250 4.41 30.96 -11.95
CA TYR A 250 3.91 31.08 -10.59
C TYR A 250 4.71 32.12 -9.79
N LEU A 251 6.02 32.18 -10.01
CA LEU A 251 6.80 33.27 -9.45
C LEU A 251 6.25 34.61 -9.90
N ASN A 252 5.88 34.72 -11.18
CA ASN A 252 5.36 35.98 -11.69
C ASN A 252 3.99 36.29 -11.11
N VAL A 253 3.16 35.27 -10.89
CA VAL A 253 1.88 35.50 -10.22
C VAL A 253 2.11 36.07 -8.83
N MET A 254 3.03 35.49 -8.07
CA MET A 254 3.34 36.02 -6.75
C MET A 254 3.87 37.45 -6.84
N ARG A 255 4.73 37.73 -7.82
CA ARG A 255 5.20 39.08 -8.03
C ARG A 255 4.04 40.01 -8.36
N ARG A 256 3.16 39.59 -9.27
CA ARG A 256 1.99 40.39 -9.61
C ARG A 256 1.12 40.62 -8.39
N PHE A 257 0.93 39.58 -7.57
CA PHE A 257 0.12 39.72 -6.35
C PHE A 257 0.74 40.73 -5.39
N SER A 258 2.03 40.56 -5.09
CA SER A 258 2.73 41.53 -4.24
C SER A 258 2.65 42.93 -4.82
N GLN A 259 2.81 43.05 -6.13
CA GLN A 259 2.71 44.35 -6.80
C GLN A 259 1.34 44.98 -6.54
N ALA A 260 0.27 44.20 -6.69
CA ALA A 260 -1.07 44.74 -6.53
C ALA A 260 -1.35 45.13 -5.08
N LEU A 261 -0.85 44.35 -4.13
CA LEU A 261 -1.08 44.66 -2.72
C LEU A 261 -0.39 45.96 -2.31
N LEU A 262 0.87 46.14 -2.72
CA LEU A 262 1.59 47.36 -2.41
C LEU A 262 0.97 48.58 -3.08
N LYS A 263 0.34 48.38 -4.24
CA LYS A 263 -0.21 49.50 -5.00
C LYS A 263 -1.51 50.02 -4.40
N GLY A 264 -2.24 49.18 -3.68
CA GLY A 264 -3.58 49.50 -3.21
C GLY A 264 -3.57 50.43 -2.01
N ASP A 265 -4.75 50.54 -1.39
CA ASP A 265 -4.93 51.44 -0.26
C ASP A 265 -4.38 50.82 1.02
N LYS A 266 -4.54 51.53 2.14
CA LYS A 266 -3.95 51.08 3.40
C LYS A 266 -4.42 49.67 3.76
N SER A 267 -5.71 49.40 3.63
CA SER A 267 -6.23 48.09 3.99
C SER A 267 -5.52 46.97 3.24
N VAL A 268 -5.23 47.19 1.96
CA VAL A 268 -4.56 46.14 1.20
C VAL A 268 -3.07 46.13 1.48
N ARG A 269 -2.46 47.30 1.66
CA ARG A 269 -1.06 47.34 2.07
C ARG A 269 -0.87 46.64 3.41
N VAL A 270 -1.82 46.80 4.32
CA VAL A 270 -1.77 46.07 5.58
C VAL A 270 -1.81 44.57 5.33
N MET A 271 -2.67 44.13 4.41
CA MET A 271 -2.73 42.72 4.06
C MET A 271 -1.37 42.20 3.64
N ARG A 272 -0.65 42.96 2.82
CA ARG A 272 0.69 42.55 2.39
C ARG A 272 1.60 42.32 3.57
N SER A 273 1.59 43.24 4.54
N SER A 273 1.59 43.25 4.53
CA SER A 273 2.45 43.11 5.71
CA SER A 273 2.45 43.11 5.71
C SER A 273 2.05 41.91 6.55
C SER A 273 2.05 41.89 6.53
N LEU A 274 0.75 41.62 6.62
CA LEU A 274 0.29 40.47 7.41
C LEU A 274 0.70 39.16 6.74
N LEU A 275 0.61 39.09 5.42
CA LEU A 275 1.09 37.91 4.70
C LEU A 275 2.58 37.69 4.96
N ALA A 276 3.37 38.76 4.85
CA ALA A 276 4.79 38.67 5.18
C ALA A 276 5.00 38.17 6.60
N ALA A 277 4.18 38.66 7.55
CA ALA A 277 4.31 38.24 8.94
C ALA A 277 3.96 36.77 9.10
N GLN A 278 2.92 36.30 8.40
CA GLN A 278 2.60 34.87 8.41
C GLN A 278 3.78 34.04 7.93
N GLN A 279 4.36 34.42 6.78
CA GLN A 279 5.46 33.65 6.23
C GLN A 279 6.63 33.58 7.21
N THR A 280 6.95 34.71 7.87
CA THR A 280 8.02 34.70 8.85
C THR A 280 7.70 33.75 10.01
N PHE A 281 6.45 33.77 10.47
CA PHE A 281 6.05 32.87 11.55
C PHE A 281 6.23 31.41 11.14
N VAL A 282 5.74 31.05 9.94
CA VAL A 282 5.89 29.68 9.47
C VAL A 282 7.35 29.32 9.31
N ASP A 283 8.15 30.24 8.77
CA ASP A 283 9.58 29.99 8.66
C ASP A 283 10.19 29.63 10.00
N ARG A 284 9.88 30.41 11.04
CA ARG A 284 10.42 30.13 12.37
C ARG A 284 9.87 28.81 12.91
N LEU A 285 8.61 28.51 12.63
CA LEU A 285 8.07 27.21 13.03
C LEU A 285 8.79 26.06 12.34
N VAL A 286 9.05 26.21 11.03
CA VAL A 286 9.76 25.19 10.29
C VAL A 286 11.17 25.01 10.85
N HIS A 287 11.86 26.12 11.10
CA HIS A 287 13.19 26.05 11.68
C HIS A 287 13.17 25.32 13.02
N LEU A 288 12.15 25.57 13.84
CA LEU A 288 12.05 24.92 15.14
C LEU A 288 11.84 23.41 14.99
N MET A 289 10.97 23.00 14.06
CA MET A 289 10.75 21.59 13.83
C MET A 289 12.04 20.88 13.43
N LYS A 290 12.85 21.51 12.57
CA LYS A 290 14.13 20.94 12.21
C LYS A 290 15.06 20.83 13.41
N ALA A 291 15.06 21.85 14.27
CA ALA A 291 15.91 21.82 15.46
C ALA A 291 15.50 20.68 16.40
N VAL A 292 14.20 20.43 16.52
CA VAL A 292 13.73 19.34 17.38
C VAL A 292 14.21 18.00 16.84
N GLN A 293 14.23 17.85 15.52
CA GLN A 293 14.58 16.58 14.90
C GLN A 293 16.08 16.39 14.72
N ARG A 294 16.87 17.47 14.79
CA ARG A 294 18.32 17.28 14.89
C ARG A 294 18.66 16.49 16.15
N GLU A 295 17.80 16.56 17.16
CA GLU A 295 17.97 15.74 18.35
C GLU A 295 17.95 14.26 18.00
N SER A 296 18.70 13.47 18.77
CA SER A 296 18.74 12.02 18.59
C SER A 296 18.12 11.30 19.78
N GLY A 297 17.41 12.03 20.65
CA GLY A 297 16.83 11.45 21.84
C GLY A 297 15.47 10.80 21.60
N ASN A 298 14.93 10.22 22.67
CA ASN A 298 13.62 9.58 22.59
C ASN A 298 12.53 10.64 22.50
N ARG A 299 11.29 10.17 22.38
CA ARG A 299 10.17 11.10 22.21
C ARG A 299 10.03 12.03 23.39
N LYS A 300 10.23 11.52 24.61
CA LYS A 300 10.14 12.37 25.80
C LYS A 300 11.13 13.52 25.72
N LYS A 301 12.38 13.22 25.38
CA LYS A 301 13.39 14.27 25.25
C LYS A 301 13.06 15.23 24.12
N LYS A 302 12.40 14.74 23.06
CA LYS A 302 12.07 15.61 21.95
C LYS A 302 10.91 16.53 22.29
N ASN A 303 9.90 16.02 23.01
CA ASN A 303 8.82 16.90 23.48
C ASN A 303 9.38 18.01 24.35
N GLU A 304 10.30 17.66 25.27
CA GLU A 304 10.89 18.66 26.15
C GLU A 304 11.65 19.72 25.34
N ARG A 305 12.37 19.29 24.31
CA ARG A 305 13.08 20.24 23.47
C ARG A 305 12.10 21.13 22.69
N LEU A 306 11.06 20.51 22.11
CA LEU A 306 10.03 21.28 21.43
C LEU A 306 9.42 22.34 22.34
N GLN A 307 9.10 21.95 23.58
CA GLN A 307 8.50 22.88 24.51
C GLN A 307 9.50 23.91 25.02
N ALA A 308 10.78 23.55 25.09
CA ALA A 308 11.79 24.51 25.52
C ALA A 308 12.03 25.57 24.47
N LEU A 309 12.10 25.16 23.20
CA LEU A 309 12.33 26.13 22.13
C LEU A 309 11.11 27.03 21.94
N LEU A 310 9.91 26.47 22.09
CA LEU A 310 8.70 27.27 21.96
C LEU A 310 8.59 28.31 23.07
N GLY A 311 8.90 27.92 24.31
CA GLY A 311 8.84 28.84 25.43
C GLY A 311 9.90 29.92 25.41
N ASP A 312 10.88 29.82 24.52
CA ASP A 312 11.95 30.81 24.41
C ASP A 312 11.58 31.77 23.27
N ASN A 313 10.82 32.81 23.62
CA ASN A 313 10.33 33.74 22.60
C ASN A 313 11.47 34.50 21.94
N GLU A 314 12.58 34.68 22.64
CA GLU A 314 13.61 35.57 22.13
C GLU A 314 14.34 34.95 20.95
N LYS A 315 14.65 33.65 21.04
CA LYS A 315 15.35 33.00 19.93
C LYS A 315 14.39 32.61 18.82
N MET A 316 13.30 31.93 19.15
CA MET A 316 12.38 31.42 18.14
C MET A 316 11.23 32.37 17.85
N ASN A 317 10.82 33.18 18.81
CA ASN A 317 9.72 34.13 18.63
C ASN A 317 8.47 33.43 18.09
N LEU A 318 8.01 32.46 18.87
CA LEU A 318 6.76 31.76 18.60
C LEU A 318 5.84 31.70 19.79
N SER A 319 6.32 32.03 20.98
CA SER A 319 5.45 32.06 22.14
C SER A 319 4.57 33.30 22.18
N ASP A 320 5.10 34.42 21.73
CA ASP A 320 4.38 35.69 21.76
C ASP A 320 4.74 36.49 20.51
N VAL A 321 3.75 36.75 19.67
CA VAL A 321 3.95 37.51 18.45
C VAL A 321 2.76 38.43 18.27
N GLU A 322 2.98 39.50 17.51
CA GLU A 322 1.88 40.40 17.19
C GLU A 322 0.78 39.65 16.44
N LEU A 323 -0.45 40.07 16.67
CA LEU A 323 -1.61 39.39 16.07
C LEU A 323 -1.41 39.19 14.57
N ILE A 324 -1.53 37.94 14.13
CA ILE A 324 -1.52 37.62 12.72
C ILE A 324 -2.60 36.60 12.42
N PRO A 325 -3.17 36.65 11.23
CA PRO A 325 -4.15 35.63 10.84
C PRO A 325 -3.51 34.25 10.79
N LEU A 326 -4.22 33.28 11.34
CA LEU A 326 -3.78 31.90 11.24
C LEU A 326 -3.89 31.47 9.78
N PRO A 327 -2.78 31.09 9.12
CA PRO A 327 -2.88 30.72 7.71
C PRO A 327 -3.92 29.64 7.46
N LEU A 328 -4.04 28.70 8.40
CA LEU A 328 -4.97 27.59 8.25
C LEU A 328 -6.42 28.07 8.27
N GLU A 329 -6.71 29.12 9.03
CA GLU A 329 -8.07 29.68 9.11
C GLU A 329 -7.93 31.14 9.45
N PRO A 330 -7.72 32.00 8.44
CA PRO A 330 -7.30 33.38 8.72
C PRO A 330 -8.32 34.21 9.48
N GLN A 331 -9.59 33.79 9.53
CA GLN A 331 -10.54 34.47 10.39
C GLN A 331 -10.10 34.43 11.85
N VAL A 332 -9.25 33.47 12.21
CA VAL A 332 -8.75 33.33 13.58
C VAL A 332 -7.38 33.98 13.65
N LYS A 333 -7.27 35.03 14.45
CA LYS A 333 -5.99 35.70 14.69
C LYS A 333 -5.31 35.07 15.89
N ILE A 334 -4.00 34.83 15.78
CA ILE A 334 -3.25 34.13 16.80
C ILE A 334 -2.14 35.03 17.33
N ARG A 335 -1.81 34.83 18.61
CA ARG A 335 -0.76 35.58 19.28
C ARG A 335 0.49 34.77 19.54
N GLY A 336 0.49 33.47 19.24
CA GLY A 336 1.62 32.62 19.50
C GLY A 336 1.17 31.20 19.75
N ILE A 337 2.12 30.36 20.12
CA ILE A 337 1.88 28.95 20.43
C ILE A 337 2.10 28.73 21.91
N ILE A 338 1.22 27.95 22.53
CA ILE A 338 1.33 27.62 23.96
C ILE A 338 2.43 26.59 24.14
N PRO A 339 3.51 26.93 24.84
CA PRO A 339 4.69 26.04 24.83
C PRO A 339 4.49 24.75 25.61
N GLU A 340 3.81 24.80 26.75
CA GLU A 340 3.78 23.64 27.65
C GLU A 340 2.86 22.52 27.16
N THR A 341 2.01 22.77 26.17
CA THR A 341 1.08 21.76 25.67
C THR A 341 1.48 21.21 24.30
N ALA A 342 2.63 21.61 23.76
CA ALA A 342 3.07 21.12 22.47
C ALA A 342 3.75 19.76 22.63
N THR A 343 3.34 18.80 21.80
CA THR A 343 3.94 17.47 21.82
C THR A 343 4.02 16.94 20.40
N LEU A 344 4.82 15.89 20.24
CA LEU A 344 5.01 15.22 18.96
C LEU A 344 4.16 13.96 18.90
N PHE A 345 3.49 13.76 17.78
CA PHE A 345 2.73 12.53 17.57
C PHE A 345 3.69 11.34 17.51
N LYS A 346 3.25 10.21 18.08
CA LYS A 346 4.03 8.98 18.02
C LYS A 346 3.84 8.36 16.65
N SER A 347 4.59 8.87 15.67
CA SER A 347 4.54 8.37 14.31
C SER A 347 5.88 8.63 13.64
N ALA A 348 6.09 7.97 12.49
CA ALA A 348 7.38 8.03 11.81
C ALA A 348 7.83 9.47 11.58
N LEU A 349 6.94 10.32 11.06
CA LEU A 349 7.30 11.68 10.70
C LEU A 349 7.24 12.65 11.87
N MET A 350 6.74 12.21 13.03
CA MET A 350 6.68 12.99 14.25
C MET A 350 6.17 14.43 13.98
N PRO A 351 4.98 14.57 13.43
CA PRO A 351 4.37 15.90 13.35
C PRO A 351 4.03 16.39 14.75
N ALA A 352 3.82 17.69 14.85
CA ALA A 352 3.59 18.32 16.14
C ALA A 352 2.10 18.64 16.31
N GLN A 353 1.61 18.47 17.53
CA GLN A 353 0.34 19.05 17.95
C GLN A 353 0.64 20.35 18.67
N LEU A 354 0.10 21.44 18.17
CA LEU A 354 0.36 22.77 18.70
C LEU A 354 -0.97 23.47 18.99
N PHE A 355 -1.03 24.14 20.14
CA PHE A 355 -2.20 24.91 20.53
C PHE A 355 -1.88 26.39 20.33
N PHE A 356 -2.59 27.02 19.41
CA PHE A 356 -2.38 28.44 19.13
C PHE A 356 -3.16 29.30 20.13
N LYS A 357 -2.51 30.35 20.62
CA LYS A 357 -3.21 31.37 21.41
C LYS A 357 -3.99 32.25 20.45
N THR A 358 -5.31 32.22 20.54
CA THR A 358 -6.14 33.03 19.66
C THR A 358 -6.30 34.43 20.23
N GLU A 359 -6.73 35.34 19.36
CA GLU A 359 -6.86 36.74 19.75
C GLU A 359 -7.82 36.90 20.92
N ASP A 360 -8.92 36.15 20.92
CA ASP A 360 -9.95 36.25 21.95
C ASP A 360 -9.67 35.37 23.16
N GLY A 361 -8.41 35.06 23.43
CA GLY A 361 -8.05 34.29 24.61
C GLY A 361 -8.31 32.81 24.54
N GLY A 362 -8.74 32.30 23.38
CA GLY A 362 -9.01 30.89 23.22
C GLY A 362 -7.79 30.11 22.77
N LYS A 363 -8.02 28.84 22.43
CA LYS A 363 -6.99 27.97 21.91
C LYS A 363 -7.46 27.34 20.61
N TYR A 364 -6.55 27.19 19.67
CA TYR A 364 -6.82 26.55 18.38
C TYR A 364 -5.78 25.45 18.18
N PRO A 365 -6.14 24.19 18.36
CA PRO A 365 -5.15 23.12 18.14
C PRO A 365 -4.99 22.79 16.67
N VAL A 366 -3.75 22.53 16.28
CA VAL A 366 -3.41 22.13 14.92
C VAL A 366 -2.43 20.98 14.96
N ILE A 367 -2.36 20.26 13.85
CA ILE A 367 -1.22 19.39 13.54
C ILE A 367 -0.34 20.16 12.56
N PHE A 368 0.94 20.28 12.87
CA PHE A 368 1.90 20.83 11.93
C PHE A 368 2.79 19.70 11.44
N LYS A 369 2.67 19.39 10.16
CA LYS A 369 3.50 18.37 9.53
C LYS A 369 4.72 19.02 8.90
N HIS A 370 5.86 18.37 9.07
N HIS A 370 5.87 18.39 9.09
CA HIS A 370 7.13 18.84 8.51
CA HIS A 370 7.11 18.85 8.47
C HIS A 370 7.83 17.68 7.81
C HIS A 370 7.78 17.68 7.79
N GLY A 371 8.36 17.93 6.62
CA GLY A 371 8.95 16.87 5.82
C GLY A 371 7.88 15.97 5.24
N ASP A 372 6.78 16.55 4.77
CA ASP A 372 5.57 15.81 4.45
C ASP A 372 4.73 16.63 3.49
N ASP A 373 4.21 15.98 2.45
CA ASP A 373 3.43 16.66 1.41
C ASP A 373 1.94 16.48 1.72
N LEU A 374 1.28 17.58 2.09
CA LEU A 374 -0.11 17.57 2.50
C LEU A 374 -1.08 17.82 1.34
N ARG A 375 -0.58 17.92 0.10
CA ARG A 375 -1.39 18.47 -0.97
C ARG A 375 -2.54 17.55 -1.36
N GLN A 376 -2.35 16.23 -1.31
CA GLN A 376 -3.47 15.33 -1.60
C GLN A 376 -4.54 15.45 -0.52
N ASP A 377 -4.12 15.44 0.75
CA ASP A 377 -5.07 15.71 1.83
C ASP A 377 -5.73 17.07 1.67
N GLN A 378 -4.94 18.08 1.30
CA GLN A 378 -5.49 19.42 1.12
C GLN A 378 -6.61 19.42 0.09
N LEU A 379 -6.39 18.76 -1.05
CA LEU A 379 -7.43 18.69 -2.07
C LEU A 379 -8.66 17.97 -1.55
N ILE A 380 -8.45 16.82 -0.90
CA ILE A 380 -9.59 15.99 -0.48
C ILE A 380 -10.43 16.72 0.56
N LEU A 381 -9.79 17.33 1.56
CA LEU A 381 -10.56 18.07 2.57
C LEU A 381 -11.26 19.27 1.95
N GLN A 382 -10.67 19.87 0.91
CA GLN A 382 -11.34 20.97 0.22
C GLN A 382 -12.57 20.47 -0.53
N ILE A 383 -12.47 19.29 -1.15
CA ILE A 383 -13.62 18.73 -1.87
C ILE A 383 -14.68 18.27 -0.87
N ILE A 384 -14.26 17.71 0.26
CA ILE A 384 -15.21 17.32 1.30
C ILE A 384 -15.94 18.55 1.84
N SER A 385 -15.21 19.65 2.05
CA SER A 385 -15.84 20.89 2.47
C SER A 385 -16.87 21.36 1.44
N LEU A 386 -16.52 21.29 0.16
CA LEU A 386 -17.46 21.68 -0.88
C LEU A 386 -18.69 20.78 -0.85
N MET A 387 -18.48 19.45 -0.82
CA MET A 387 -19.61 18.53 -0.81
C MET A 387 -20.49 18.76 0.41
N ASP A 388 -19.89 19.03 1.57
CA ASP A 388 -20.67 19.36 2.75
C ASP A 388 -21.51 20.62 2.52
N LYS A 389 -20.90 21.66 1.94
CA LYS A 389 -21.63 22.89 1.68
C LYS A 389 -22.74 22.67 0.66
N LEU A 390 -22.49 21.84 -0.35
CA LEU A 390 -23.54 21.53 -1.32
C LEU A 390 -24.70 20.81 -0.65
N LEU A 391 -24.41 19.83 0.19
CA LEU A 391 -25.48 19.12 0.91
C LEU A 391 -26.25 20.09 1.80
N ARG A 392 -25.54 20.89 2.60
CA ARG A 392 -26.20 21.88 3.43
C ARG A 392 -27.07 22.81 2.60
N LYS A 393 -26.58 23.23 1.43
CA LYS A 393 -27.38 24.09 0.56
C LYS A 393 -28.69 23.43 0.18
N GLU A 394 -28.68 22.11 0.01
CA GLU A 394 -29.90 21.34 -0.20
C GLU A 394 -30.61 21.00 1.10
N ASN A 395 -30.26 21.70 2.19
N ASN A 395 -30.28 21.70 2.19
CA ASN A 395 -30.90 21.52 3.49
CA ASN A 395 -30.93 21.50 3.48
C ASN A 395 -30.68 20.10 4.01
C ASN A 395 -30.68 20.09 4.03
N LEU A 396 -29.46 19.59 3.83
CA LEU A 396 -29.05 18.28 4.35
C LEU A 396 -27.74 18.47 5.10
N ASP A 397 -27.82 18.56 6.42
CA ASP A 397 -26.65 18.69 7.28
C ASP A 397 -26.37 17.31 7.88
N LEU A 398 -25.37 16.62 7.32
CA LEU A 398 -25.03 15.28 7.75
C LEU A 398 -23.95 15.25 8.82
N LYS A 399 -23.74 16.37 9.52
CA LYS A 399 -22.83 16.41 10.66
C LYS A 399 -21.42 15.98 10.28
N LEU A 400 -20.94 16.49 9.16
CA LEU A 400 -19.62 16.12 8.67
C LEU A 400 -18.54 16.96 9.34
N THR A 401 -17.30 16.48 9.23
CA THR A 401 -16.13 17.13 9.85
C THR A 401 -15.11 17.47 8.78
N PRO A 402 -15.38 18.49 7.96
CA PRO A 402 -14.39 18.94 6.96
C PRO A 402 -13.31 19.82 7.58
N TYR A 403 -12.43 19.20 8.36
CA TYR A 403 -11.38 19.96 9.03
C TYR A 403 -10.47 20.62 8.00
N LYS A 404 -9.97 21.80 8.36
CA LYS A 404 -9.15 22.58 7.44
C LYS A 404 -7.79 21.95 7.25
N VAL A 405 -7.27 22.04 6.03
CA VAL A 405 -5.93 21.58 5.69
C VAL A 405 -5.29 22.63 4.80
N LEU A 406 -4.08 23.06 5.14
CA LEU A 406 -3.37 24.06 4.36
C LEU A 406 -1.91 23.67 4.26
N ALA A 407 -1.45 23.43 3.03
CA ALA A 407 -0.03 23.28 2.78
C ALA A 407 0.64 24.65 2.81
N THR A 408 1.68 24.79 3.62
CA THR A 408 2.50 25.98 3.64
C THR A 408 3.73 25.85 2.75
N SER A 409 3.98 24.66 2.22
CA SER A 409 4.99 24.37 1.20
C SER A 409 4.73 22.95 0.74
N THR A 410 5.54 22.46 -0.18
CA THR A 410 5.40 21.06 -0.57
C THR A 410 5.86 20.10 0.50
N LYS A 411 6.52 20.60 1.56
CA LYS A 411 7.11 19.74 2.59
C LYS A 411 6.58 20.04 3.99
N HIS A 412 5.60 20.92 4.13
CA HIS A 412 5.01 21.14 5.44
C HIS A 412 3.67 21.84 5.30
N GLY A 413 2.88 21.79 6.37
CA GLY A 413 1.56 22.39 6.35
C GLY A 413 0.83 22.14 7.66
N PHE A 414 -0.38 22.71 7.72
CA PHE A 414 -1.22 22.68 8.91
C PHE A 414 -2.46 21.81 8.67
N MET A 415 -2.96 21.22 9.76
CA MET A 415 -4.26 20.58 9.79
C MET A 415 -5.00 21.00 11.06
N GLN A 416 -6.29 21.24 10.92
CA GLN A 416 -7.14 21.61 12.04
C GLN A 416 -7.42 20.37 12.88
N PHE A 417 -7.00 20.38 14.14
CA PHE A 417 -7.16 19.21 14.99
C PHE A 417 -8.55 19.20 15.61
N ILE A 418 -9.25 18.08 15.43
CA ILE A 418 -10.58 17.87 15.99
C ILE A 418 -10.44 16.87 17.14
N GLN A 419 -10.87 17.27 18.32
CA GLN A 419 -10.86 16.34 19.45
C GLN A 419 -11.76 15.15 19.13
N SER A 420 -11.18 13.95 19.23
CA SER A 420 -11.81 12.75 18.70
C SER A 420 -11.05 11.55 19.24
N VAL A 421 -11.57 10.36 18.93
CA VAL A 421 -10.89 9.12 19.28
C VAL A 421 -10.97 8.18 18.07
N PRO A 422 -9.87 7.55 17.67
CA PRO A 422 -9.94 6.59 16.57
C PRO A 422 -10.82 5.40 16.95
N VAL A 423 -11.53 4.89 15.94
CA VAL A 423 -12.41 3.74 16.17
C VAL A 423 -11.60 2.55 16.67
N ALA A 424 -10.40 2.36 16.12
CA ALA A 424 -9.53 1.29 16.59
C ALA A 424 -9.31 1.39 18.09
N GLU A 425 -9.05 2.60 18.60
CA GLU A 425 -8.87 2.77 20.04
C GLU A 425 -10.16 2.52 20.79
N VAL A 426 -11.29 2.96 20.25
CA VAL A 426 -12.58 2.69 20.88
C VAL A 426 -12.76 1.19 21.08
N LEU A 427 -12.49 0.41 20.03
CA LEU A 427 -12.60 -1.04 20.13
C LEU A 427 -11.60 -1.60 21.14
N ASP A 428 -10.39 -1.03 21.18
CA ASP A 428 -9.36 -1.56 22.07
C ASP A 428 -9.74 -1.37 23.54
N THR A 429 -10.38 -0.24 23.85
CA THR A 429 -10.67 0.13 25.24
C THR A 429 -12.11 -0.10 25.64
N GLU A 430 -13.06 0.11 24.73
CA GLU A 430 -14.49 -0.03 25.03
C GLU A 430 -15.12 -1.27 24.42
N GLY A 431 -14.45 -1.93 23.47
CA GLY A 431 -14.96 -3.12 22.83
C GLY A 431 -15.88 -2.87 21.66
N SER A 432 -16.68 -1.80 21.71
CA SER A 432 -17.64 -1.53 20.66
C SER A 432 -17.93 -0.04 20.60
N ILE A 433 -18.36 0.42 19.43
CA ILE A 433 -18.79 1.81 19.30
C ILE A 433 -20.03 2.06 20.14
N GLN A 434 -20.92 1.06 20.24
CA GLN A 434 -22.09 1.19 21.09
C GLN A 434 -21.68 1.34 22.55
N ASN A 435 -20.71 0.55 23.00
CA ASN A 435 -20.21 0.70 24.37
C ASN A 435 -19.67 2.10 24.59
N PHE A 436 -18.94 2.64 23.62
CA PHE A 436 -18.43 4.01 23.71
C PHE A 436 -19.57 5.00 23.89
N PHE A 437 -20.59 4.92 23.04
CA PHE A 437 -21.70 5.86 23.13
C PHE A 437 -22.48 5.71 24.43
N ARG A 438 -22.56 4.48 24.96
CA ARG A 438 -23.27 4.28 26.21
C ARG A 438 -22.51 4.85 27.39
N LYS A 439 -21.18 4.87 27.32
CA LYS A 439 -20.39 5.44 28.41
C LYS A 439 -20.48 6.95 28.44
N TYR A 440 -20.46 7.59 27.27
CA TYR A 440 -20.34 9.04 27.20
C TYR A 440 -21.63 9.75 26.79
N ALA A 441 -22.62 9.01 26.32
CA ALA A 441 -23.90 9.62 25.98
C ALA A 441 -25.05 8.68 26.33
N PRO A 442 -25.15 8.23 27.59
CA PRO A 442 -26.20 7.28 27.94
C PRO A 442 -27.56 7.95 27.99
N SER A 443 -28.59 7.15 27.68
CA SER A 443 -29.98 7.59 27.77
C SER A 443 -30.83 6.34 27.90
N GLU A 444 -31.60 6.24 28.99
N GLU A 444 -31.57 6.24 29.01
CA GLU A 444 -32.30 4.98 29.28
CA GLU A 444 -32.34 5.04 29.31
C GLU A 444 -33.20 4.56 28.12
C GLU A 444 -33.16 4.60 28.11
N ASN A 445 -33.99 5.50 27.58
CA ASN A 445 -34.94 5.19 26.53
C ASN A 445 -34.44 5.55 25.14
N GLY A 446 -33.17 5.86 25.00
CA GLY A 446 -32.59 6.07 23.68
C GLY A 446 -32.31 4.76 22.99
N PRO A 447 -32.05 4.84 21.69
CA PRO A 447 -31.76 3.62 20.93
C PRO A 447 -30.61 2.84 21.54
N ASN A 448 -30.88 1.61 21.99
CA ASN A 448 -29.87 0.76 22.63
C ASN A 448 -29.24 1.45 23.84
N GLY A 449 -30.00 2.30 24.51
CA GLY A 449 -29.50 3.02 25.67
C GLY A 449 -28.61 4.21 25.35
N ILE A 450 -28.63 4.69 24.11
CA ILE A 450 -27.78 5.80 23.69
C ILE A 450 -28.65 7.02 23.39
N SER A 451 -28.09 8.20 23.65
CA SER A 451 -28.80 9.45 23.34
C SER A 451 -29.27 9.45 21.89
N ALA A 452 -30.56 9.70 21.70
CA ALA A 452 -31.10 9.73 20.34
C ALA A 452 -30.42 10.79 19.49
N GLU A 453 -30.05 11.92 20.10
CA GLU A 453 -29.35 12.96 19.35
C GLU A 453 -27.97 12.48 18.91
N VAL A 454 -27.25 11.79 19.78
CA VAL A 454 -25.94 11.27 19.42
C VAL A 454 -26.07 10.22 18.31
N MET A 455 -27.05 9.33 18.42
CA MET A 455 -27.23 8.30 17.41
C MET A 455 -27.64 8.91 16.07
N ASP A 456 -28.54 9.89 16.09
CA ASP A 456 -28.91 10.58 14.85
C ASP A 456 -27.69 11.20 14.19
N THR A 457 -26.80 11.80 14.99
CA THR A 457 -25.58 12.37 14.46
C THR A 457 -24.68 11.28 13.88
N TYR A 458 -24.57 10.15 14.57
CA TYR A 458 -23.75 9.05 14.08
C TYR A 458 -24.28 8.52 12.76
N VAL A 459 -25.59 8.25 12.69
CA VAL A 459 -26.18 7.74 11.46
C VAL A 459 -25.93 8.70 10.30
N LYS A 460 -26.17 10.00 10.54
CA LYS A 460 -26.03 10.98 9.48
C LYS A 460 -24.59 11.08 8.98
N SER A 461 -23.63 11.18 9.90
CA SER A 461 -22.24 11.34 9.49
C SER A 461 -21.71 10.06 8.85
N CYS A 462 -22.13 8.89 9.34
CA CYS A 462 -21.81 7.64 8.68
C CYS A 462 -22.30 7.65 7.23
N ALA A 463 -23.55 8.08 7.02
CA ALA A 463 -24.10 8.15 5.68
C ALA A 463 -23.32 9.12 4.80
N GLY A 464 -23.07 10.33 5.30
CA GLY A 464 -22.32 11.31 4.53
C GLY A 464 -20.97 10.78 4.09
N TYR A 465 -20.21 10.22 5.03
CA TYR A 465 -18.86 9.77 4.68
C TYR A 465 -18.89 8.50 3.85
N CYS A 466 -19.93 7.67 4.02
N CYS A 466 -19.93 7.69 4.00
CA CYS A 466 -20.07 6.50 3.15
CA CYS A 466 -20.06 6.50 3.15
C CYS A 466 -20.17 6.92 1.70
C CYS A 466 -20.21 6.90 1.68
N VAL A 467 -21.07 7.86 1.39
CA VAL A 467 -21.25 8.32 0.02
C VAL A 467 -20.03 9.10 -0.45
N ILE A 468 -19.51 9.99 0.40
CA ILE A 468 -18.41 10.87 -0.03
C ILE A 468 -17.15 10.06 -0.29
N THR A 469 -16.76 9.20 0.66
CA THR A 469 -15.57 8.39 0.44
C THR A 469 -15.75 7.42 -0.71
N TYR A 470 -16.99 7.03 -1.01
CA TYR A 470 -17.22 6.18 -2.17
C TYR A 470 -16.98 6.95 -3.47
N ILE A 471 -17.51 8.16 -3.56
CA ILE A 471 -17.34 8.95 -4.78
C ILE A 471 -15.86 9.25 -5.01
N LEU A 472 -15.13 9.57 -3.95
CA LEU A 472 -13.73 9.94 -4.06
C LEU A 472 -12.79 8.73 -4.10
N GLY A 473 -13.32 7.52 -4.02
CA GLY A 473 -12.49 6.33 -4.09
C GLY A 473 -11.44 6.24 -3.01
N VAL A 474 -11.79 6.66 -1.79
CA VAL A 474 -10.81 6.70 -0.70
C VAL A 474 -10.46 5.28 -0.27
N GLY A 475 -9.16 4.98 -0.23
CA GLY A 475 -8.67 3.70 0.20
C GLY A 475 -7.99 3.77 1.56
N ASP A 476 -7.34 2.65 1.90
CA ASP A 476 -6.58 2.55 3.16
C ASP A 476 -7.47 2.88 4.35
N ARG A 477 -8.64 2.25 4.38
CA ARG A 477 -9.67 2.57 5.38
C ARG A 477 -9.58 1.60 6.55
N HIS A 478 -8.49 1.67 7.29
CA HIS A 478 -8.39 0.94 8.54
C HIS A 478 -8.96 1.78 9.68
N LEU A 479 -9.16 1.14 10.82
CA LEU A 479 -9.90 1.74 11.93
C LEU A 479 -9.11 2.83 12.66
N ASP A 480 -7.85 3.07 12.33
CA ASP A 480 -7.15 4.23 12.83
C ASP A 480 -7.41 5.48 11.99
N ASN A 481 -8.06 5.31 10.83
CA ASN A 481 -8.42 6.42 9.96
C ASN A 481 -9.89 6.80 10.06
N LEU A 482 -10.66 6.11 10.90
CA LEU A 482 -12.02 6.49 11.20
C LEU A 482 -12.05 7.03 12.63
N LEU A 483 -12.49 8.26 12.80
CA LEU A 483 -12.47 8.93 14.10
C LEU A 483 -13.89 9.22 14.57
N LEU A 484 -14.06 9.23 15.88
CA LEU A 484 -15.36 9.40 16.51
C LEU A 484 -15.29 10.50 17.56
N THR A 485 -16.39 11.23 17.70
CA THR A 485 -16.56 12.19 18.77
C THR A 485 -17.66 11.73 19.71
N LYS A 486 -17.61 12.25 20.94
CA LYS A 486 -18.60 11.88 21.94
C LYS A 486 -19.97 12.48 21.65
N THR A 487 -20.07 13.40 20.70
CA THR A 487 -21.35 13.89 20.22
C THR A 487 -21.94 13.03 19.11
N GLY A 488 -21.24 11.97 18.71
CA GLY A 488 -21.74 11.05 17.72
C GLY A 488 -21.15 11.20 16.33
N LYS A 489 -20.29 12.20 16.12
CA LYS A 489 -19.74 12.43 14.80
C LYS A 489 -18.68 11.39 14.45
N LEU A 490 -18.86 10.75 13.30
CA LEU A 490 -17.82 9.91 12.69
C LEU A 490 -17.26 10.65 11.49
N PHE A 491 -15.94 10.60 11.33
CA PHE A 491 -15.34 11.21 10.15
C PHE A 491 -14.05 10.47 9.78
N HIS A 492 -13.62 10.69 8.55
CA HIS A 492 -12.45 10.04 7.98
C HIS A 492 -11.25 10.99 7.99
N ILE A 493 -10.05 10.41 8.10
CA ILE A 493 -8.80 11.15 8.04
C ILE A 493 -7.84 10.40 7.14
N ASP A 494 -6.72 11.06 6.84
CA ASP A 494 -5.59 10.41 6.17
C ASP A 494 -5.96 9.92 4.77
N PHE A 495 -5.92 10.83 3.80
CA PHE A 495 -6.37 10.52 2.44
C PHE A 495 -5.19 10.34 1.49
N GLY A 496 -4.23 9.50 1.89
CA GLY A 496 -3.10 9.15 1.06
C GLY A 496 -3.43 8.21 -0.08
N TYR A 497 -4.61 7.60 -0.06
CA TYR A 497 -5.07 6.72 -1.14
C TYR A 497 -6.45 7.20 -1.57
N ILE A 498 -6.56 7.65 -2.82
CA ILE A 498 -7.81 8.13 -3.37
C ILE A 498 -7.97 7.61 -4.79
N LEU A 499 -9.17 7.82 -5.35
CA LEU A 499 -9.47 7.51 -6.74
C LEU A 499 -9.27 6.03 -7.05
N GLY A 500 -9.60 5.18 -6.08
CA GLY A 500 -9.54 3.74 -6.28
C GLY A 500 -8.24 3.09 -5.89
N ARG A 501 -7.23 3.85 -5.52
CA ARG A 501 -5.98 3.25 -5.05
C ARG A 501 -6.15 2.73 -3.63
N ASP A 502 -5.42 1.67 -3.30
CA ASP A 502 -5.52 1.04 -1.99
C ASP A 502 -4.26 0.24 -1.75
N PRO A 503 -3.82 0.11 -0.50
CA PRO A 503 -2.65 -0.72 -0.21
C PRO A 503 -2.82 -2.17 -0.66
N LYS A 504 -4.00 -2.73 -0.48
CA LYS A 504 -4.28 -4.10 -0.85
C LYS A 504 -4.94 -4.16 -2.22
N PRO A 505 -4.95 -5.33 -2.86
CA PRO A 505 -5.56 -5.45 -4.18
C PRO A 505 -7.06 -5.69 -4.09
N LEU A 506 -7.72 -5.50 -5.23
CA LEU A 506 -9.16 -5.71 -5.37
C LEU A 506 -9.95 -5.02 -4.25
N PRO A 507 -9.74 -3.71 -4.04
CA PRO A 507 -10.48 -3.03 -2.98
C PRO A 507 -11.95 -2.95 -3.33
N PRO A 508 -12.84 -3.02 -2.34
CA PRO A 508 -14.26 -2.91 -2.62
C PRO A 508 -14.62 -1.52 -3.10
N PRO A 509 -15.53 -1.39 -4.07
CA PRO A 509 -15.93 -0.05 -4.52
C PRO A 509 -16.47 0.80 -3.38
N MET A 510 -17.18 0.19 -2.43
CA MET A 510 -17.66 0.87 -1.23
C MET A 510 -17.01 0.19 -0.03
N LYS A 511 -16.46 0.99 0.88
CA LYS A 511 -15.65 0.47 1.98
C LYS A 511 -16.31 0.83 3.31
N LEU A 512 -17.21 -0.04 3.77
CA LEU A 512 -17.71 -0.01 5.13
C LEU A 512 -16.96 -1.06 5.94
N ASN A 513 -17.33 -1.19 7.21
CA ASN A 513 -16.75 -2.23 8.06
C ASN A 513 -17.74 -2.58 9.15
N LYS A 514 -17.68 -3.83 9.61
CA LYS A 514 -18.64 -4.33 10.57
C LYS A 514 -18.82 -3.38 11.75
N GLU A 515 -17.71 -2.86 12.29
CA GLU A 515 -17.78 -2.04 13.50
C GLU A 515 -18.67 -0.82 13.32
N MET A 516 -18.67 -0.22 12.12
CA MET A 516 -19.48 0.97 11.92
C MET A 516 -20.97 0.64 11.87
N VAL A 517 -21.34 -0.42 11.15
CA VAL A 517 -22.74 -0.84 11.12
C VAL A 517 -23.18 -1.28 12.52
N GLU A 518 -22.32 -2.01 13.23
CA GLU A 518 -22.66 -2.41 14.59
C GLU A 518 -22.85 -1.19 15.49
N GLY A 519 -22.15 -0.10 15.21
CA GLY A 519 -22.26 1.09 16.04
C GLY A 519 -23.66 1.67 16.06
N MET A 520 -24.40 1.52 14.97
CA MET A 520 -25.77 2.03 14.89
C MET A 520 -26.81 0.99 15.30
N GLY A 521 -26.37 -0.17 15.79
CA GLY A 521 -27.27 -1.22 16.22
C GLY A 521 -27.36 -2.43 15.33
N GLY A 522 -26.51 -2.54 14.31
CA GLY A 522 -26.57 -3.64 13.36
C GLY A 522 -27.63 -3.41 12.30
N THR A 523 -27.65 -4.33 11.32
CA THR A 523 -28.62 -4.24 10.25
C THR A 523 -30.05 -4.39 10.74
N GLN A 524 -30.25 -5.03 11.89
CA GLN A 524 -31.59 -5.23 12.43
C GLN A 524 -32.18 -3.96 13.04
N SER A 525 -31.37 -2.92 13.23
CA SER A 525 -31.85 -1.69 13.85
C SER A 525 -32.59 -0.83 12.85
N GLU A 526 -33.53 -0.02 13.36
CA GLU A 526 -34.11 1.04 12.56
C GLU A 526 -33.03 1.95 11.99
N GLN A 527 -31.95 2.16 12.76
CA GLN A 527 -30.90 3.08 12.33
C GLN A 527 -30.28 2.66 11.01
N TYR A 528 -30.21 1.35 10.74
CA TYR A 528 -29.58 0.91 9.49
C TYR A 528 -30.37 1.41 8.27
N GLN A 529 -31.70 1.42 8.35
CA GLN A 529 -32.49 1.90 7.22
C GLN A 529 -32.41 3.42 7.11
N GLU A 530 -32.39 4.13 8.24
CA GLU A 530 -32.20 5.58 8.17
C GLU A 530 -30.82 5.91 7.62
N PHE A 531 -29.81 5.11 7.98
CA PHE A 531 -28.50 5.26 7.36
C PHE A 531 -28.59 5.11 5.85
N ARG A 532 -29.25 4.05 5.38
CA ARG A 532 -29.41 3.84 3.94
C ARG A 532 -30.16 5.01 3.31
N LYS A 533 -31.23 5.48 3.94
CA LYS A 533 -32.01 6.58 3.37
C LYS A 533 -31.17 7.84 3.21
N GLN A 534 -30.33 8.15 4.20
CA GLN A 534 -29.48 9.33 4.09
C GLN A 534 -28.44 9.16 2.97
N CYS A 535 -27.92 7.94 2.79
CA CYS A 535 -27.02 7.70 1.67
C CYS A 535 -27.71 7.98 0.34
N TYR A 536 -28.94 7.47 0.17
CA TYR A 536 -29.69 7.76 -1.06
C TYR A 536 -29.80 9.26 -1.28
N THR A 537 -30.25 10.00 -0.25
CA THR A 537 -30.48 11.43 -0.39
C THR A 537 -29.19 12.17 -0.72
N ALA A 538 -28.11 11.86 -0.01
CA ALA A 538 -26.83 12.52 -0.29
C ALA A 538 -26.31 12.16 -1.67
N PHE A 539 -26.46 10.89 -2.07
CA PHE A 539 -26.01 10.46 -3.39
C PHE A 539 -26.73 11.23 -4.48
N LEU A 540 -28.05 11.34 -4.37
CA LEU A 540 -28.83 12.05 -5.39
C LEU A 540 -28.47 13.53 -5.41
N HIS A 541 -28.21 14.11 -4.24
CA HIS A 541 -27.85 15.53 -4.18
C HIS A 541 -26.51 15.79 -4.87
N LEU A 542 -25.50 14.99 -4.52
CA LEU A 542 -24.17 15.19 -5.12
C LEU A 542 -24.18 14.86 -6.60
N ARG A 543 -25.03 13.91 -7.03
CA ARG A 543 -25.18 13.64 -8.45
C ARG A 543 -25.59 14.89 -9.21
N ARG A 544 -26.50 15.68 -8.64
CA ARG A 544 -26.99 16.89 -9.31
C ARG A 544 -25.90 17.94 -9.45
N TYR A 545 -24.82 17.85 -8.66
CA TYR A 545 -23.68 18.75 -8.78
C TYR A 545 -22.48 18.09 -9.46
N SER A 546 -22.72 17.00 -10.20
CA SER A 546 -21.62 16.27 -10.82
C SER A 546 -20.83 17.16 -11.78
N ASN A 547 -21.51 18.04 -12.51
CA ASN A 547 -20.80 18.92 -13.43
C ASN A 547 -19.76 19.76 -12.70
N LEU A 548 -20.13 20.33 -11.56
CA LEU A 548 -19.20 21.16 -10.82
C LEU A 548 -18.07 20.34 -10.20
N ILE A 549 -18.42 19.20 -9.59
CA ILE A 549 -17.40 18.36 -8.96
C ILE A 549 -16.44 17.82 -10.01
N LEU A 550 -16.95 17.40 -11.16
CA LEU A 550 -16.09 16.89 -12.22
C LEU A 550 -15.26 18.01 -12.84
N ASN A 551 -15.83 19.21 -12.99
CA ASN A 551 -15.08 20.33 -13.51
C ASN A 551 -13.92 20.70 -12.59
N LEU A 552 -14.16 20.67 -11.27
CA LEU A 552 -13.07 20.95 -10.33
C LEU A 552 -11.97 19.92 -10.44
N PHE A 553 -12.32 18.64 -10.63
CA PHE A 553 -11.30 17.62 -10.79
C PHE A 553 -10.58 17.73 -12.12
N SER A 554 -11.27 18.21 -13.16
CA SER A 554 -10.62 18.40 -14.45
C SER A 554 -9.51 19.45 -14.36
N LEU A 555 -9.67 20.45 -13.49
CA LEU A 555 -8.65 21.46 -13.30
C LEU A 555 -7.47 20.97 -12.46
N MET A 556 -7.52 19.74 -11.94
CA MET A 556 -6.44 19.19 -11.13
C MET A 556 -5.64 18.12 -11.86
N VAL A 557 -5.99 17.79 -13.11
CA VAL A 557 -5.43 16.61 -13.76
C VAL A 557 -3.93 16.73 -13.94
N ASP A 558 -3.41 17.95 -14.03
CA ASP A 558 -1.98 18.17 -14.18
C ASP A 558 -1.31 18.56 -12.87
N ALA A 559 -2.00 18.41 -11.74
CA ALA A 559 -1.48 18.83 -10.45
C ALA A 559 -0.50 17.79 -9.90
N ASN A 560 0.44 18.27 -9.08
N ASN A 560 0.42 18.27 -9.07
CA ASN A 560 1.41 17.38 -8.44
CA ASN A 560 1.42 17.41 -8.42
C ASN A 560 0.77 16.72 -7.22
C ASN A 560 0.79 16.70 -7.21
N ILE A 561 -0.24 15.90 -7.49
CA ILE A 561 -0.97 15.13 -6.50
C ILE A 561 -0.73 13.66 -6.82
N PRO A 562 -0.18 12.87 -5.88
CA PRO A 562 0.28 11.52 -6.27
C PRO A 562 -0.74 10.67 -7.00
N ASP A 563 -1.93 10.48 -6.42
CA ASP A 563 -2.92 9.60 -7.03
C ASP A 563 -3.58 10.20 -8.27
N ILE A 564 -3.28 11.45 -8.60
CA ILE A 564 -3.76 12.06 -9.84
C ILE A 564 -2.68 11.94 -10.90
N ALA A 565 -1.50 12.48 -10.61
CA ALA A 565 -0.39 12.41 -11.57
C ALA A 565 -0.05 10.99 -11.95
N LEU A 566 -0.48 10.00 -11.16
CA LEU A 566 -0.23 8.61 -11.51
C LEU A 566 -1.03 8.20 -12.73
N GLU A 567 -2.18 8.83 -12.97
CA GLU A 567 -3.02 8.54 -14.13
C GLU A 567 -3.84 9.77 -14.47
N PRO A 568 -3.20 10.83 -14.96
CA PRO A 568 -3.93 12.09 -15.19
C PRO A 568 -5.10 11.95 -16.14
N ASP A 569 -4.95 11.18 -17.23
CA ASP A 569 -5.98 11.12 -18.26
C ASP A 569 -7.20 10.29 -17.84
N LYS A 570 -7.12 9.54 -16.75
CA LYS A 570 -8.24 8.75 -16.27
C LYS A 570 -8.80 9.28 -14.96
N THR A 571 -8.31 10.41 -14.46
CA THR A 571 -8.67 10.88 -13.14
C THR A 571 -10.14 11.29 -13.07
N VAL A 572 -10.57 12.17 -13.99
CA VAL A 572 -11.96 12.65 -13.95
C VAL A 572 -12.93 11.50 -14.13
N LYS A 573 -12.63 10.58 -15.06
CA LYS A 573 -13.53 9.45 -15.30
C LYS A 573 -13.73 8.61 -14.05
N LYS A 574 -12.70 8.49 -13.21
CA LYS A 574 -12.81 7.65 -12.02
C LYS A 574 -13.81 8.23 -11.02
N VAL A 575 -13.94 9.55 -10.96
CA VAL A 575 -14.98 10.16 -10.14
C VAL A 575 -16.33 10.09 -10.86
N GLN A 576 -16.33 10.42 -12.15
CA GLN A 576 -17.55 10.41 -12.94
C GLN A 576 -18.28 9.08 -12.82
N ASP A 577 -17.55 7.97 -12.92
CA ASP A 577 -18.18 6.66 -12.88
C ASP A 577 -18.95 6.45 -11.58
N LYS A 578 -18.45 7.00 -10.46
CA LYS A 578 -19.10 6.80 -9.19
C LYS A 578 -20.50 7.40 -9.15
N PHE A 579 -20.73 8.47 -9.92
CA PHE A 579 -22.04 9.11 -9.94
C PHE A 579 -23.09 8.27 -10.66
N ARG A 580 -22.69 7.27 -11.44
CA ARG A 580 -23.61 6.46 -12.23
C ARG A 580 -24.63 7.34 -12.94
N LEU A 581 -24.10 8.31 -13.68
CA LEU A 581 -24.95 9.26 -14.40
C LEU A 581 -25.75 8.57 -15.51
N ASP A 582 -25.38 7.35 -15.89
CA ASP A 582 -26.19 6.57 -16.81
C ASP A 582 -27.52 6.16 -16.20
N LEU A 583 -27.64 6.23 -14.87
CA LEU A 583 -28.81 5.77 -14.15
C LEU A 583 -29.70 6.95 -13.77
N SER A 584 -31.00 6.76 -13.88
CA SER A 584 -31.95 7.73 -13.36
C SER A 584 -31.87 7.75 -11.83
N ASP A 585 -32.50 8.77 -11.24
CA ASP A 585 -32.53 8.87 -9.79
C ASP A 585 -33.04 7.58 -9.15
N GLU A 586 -34.19 7.08 -9.65
CA GLU A 586 -34.76 5.84 -9.11
C GLU A 586 -33.77 4.68 -9.24
N GLU A 587 -33.16 4.53 -10.41
CA GLU A 587 -32.18 3.46 -10.60
C GLU A 587 -30.95 3.69 -9.74
N ALA A 588 -30.54 4.95 -9.58
CA ALA A 588 -29.38 5.25 -8.75
C ALA A 588 -29.63 4.89 -7.29
N VAL A 589 -30.84 5.12 -6.80
CA VAL A 589 -31.17 4.73 -5.43
C VAL A 589 -31.09 3.22 -5.29
N HIS A 590 -31.68 2.49 -6.25
N HIS A 590 -31.67 2.48 -6.25
CA HIS A 590 -31.61 1.03 -6.22
CA HIS A 590 -31.59 1.02 -6.19
C HIS A 590 -30.16 0.56 -6.27
C HIS A 590 -30.15 0.55 -6.27
N TYR A 591 -29.33 1.19 -7.11
CA TYR A 591 -27.92 0.84 -7.18
C TYR A 591 -27.24 1.08 -5.84
N MET A 592 -27.46 2.25 -5.25
CA MET A 592 -26.83 2.58 -3.97
C MET A 592 -27.31 1.64 -2.86
N GLN A 593 -28.60 1.33 -2.84
CA GLN A 593 -29.10 0.33 -1.91
C GLN A 593 -28.36 -0.99 -2.09
N SER A 594 -28.29 -1.47 -3.33
CA SER A 594 -27.58 -2.72 -3.60
C SER A 594 -26.13 -2.63 -3.15
N LEU A 595 -25.48 -1.49 -3.39
CA LEU A 595 -24.08 -1.34 -3.03
C LEU A 595 -23.88 -1.45 -1.52
N ILE A 596 -24.72 -0.75 -0.75
CA ILE A 596 -24.57 -0.76 0.70
C ILE A 596 -24.84 -2.16 1.27
N ASP A 597 -25.95 -2.76 0.84
CA ASP A 597 -26.30 -4.09 1.35
C ASP A 597 -25.23 -5.11 1.00
N GLU A 598 -24.78 -5.12 -0.26
CA GLU A 598 -23.76 -6.09 -0.66
C GLU A 598 -22.45 -5.86 0.09
N SER A 599 -22.08 -4.60 0.31
N SER A 599 -22.08 -4.60 0.31
CA SER A 599 -20.90 -4.31 1.12
CA SER A 599 -20.89 -4.32 1.11
C SER A 599 -21.08 -4.79 2.54
C SER A 599 -21.08 -4.79 2.54
N VAL A 600 -22.30 -4.62 3.09
CA VAL A 600 -22.56 -5.06 4.46
C VAL A 600 -22.63 -6.59 4.52
N HIS A 601 -23.24 -7.21 3.51
CA HIS A 601 -23.32 -8.67 3.49
C HIS A 601 -21.93 -9.30 3.57
N ALA A 602 -21.01 -8.83 2.72
CA ALA A 602 -19.61 -9.23 2.86
C ALA A 602 -19.10 -8.99 4.27
N LEU A 603 -19.72 -8.05 4.99
CA LEU A 603 -19.40 -7.76 6.39
C LEU A 603 -18.20 -6.84 6.50
N SER B 15 22.93 -37.15 -36.46
CA SER B 15 23.15 -37.24 -37.90
C SER B 15 23.31 -35.84 -38.50
N ASP B 16 22.53 -34.90 -37.97
CA ASP B 16 22.69 -33.48 -38.28
C ASP B 16 23.34 -32.79 -37.09
N HIS B 17 24.59 -33.19 -36.82
CA HIS B 17 25.30 -32.82 -35.61
C HIS B 17 26.69 -32.29 -35.98
N ASP B 18 27.35 -31.69 -34.98
CA ASP B 18 28.73 -31.23 -35.12
C ASP B 18 29.45 -31.53 -33.82
N LEU B 19 30.55 -32.26 -33.91
CA LEU B 19 31.33 -32.64 -32.73
C LEU B 19 32.50 -31.70 -32.45
N LYS B 20 32.74 -30.71 -33.32
CA LYS B 20 33.95 -29.90 -33.26
C LYS B 20 33.59 -28.42 -33.34
N PRO B 21 33.03 -27.85 -32.28
CA PRO B 21 32.80 -26.41 -32.26
C PRO B 21 34.12 -25.66 -32.20
N ASN B 22 34.20 -24.55 -32.95
CA ASN B 22 35.39 -23.73 -32.91
C ASN B 22 35.38 -22.85 -31.66
N ALA B 23 36.46 -22.08 -31.48
CA ALA B 23 36.57 -21.27 -30.28
C ALA B 23 35.39 -20.32 -30.12
N ALA B 24 35.00 -19.65 -31.21
CA ALA B 24 33.87 -18.73 -31.14
C ALA B 24 32.59 -19.45 -30.74
N THR B 25 32.32 -20.59 -31.37
CA THR B 25 31.11 -21.35 -31.04
C THR B 25 31.12 -21.80 -29.59
N ARG B 26 32.26 -22.31 -29.12
CA ARG B 26 32.35 -22.75 -27.73
C ARG B 26 32.07 -21.59 -26.77
N ASP B 27 32.56 -20.40 -27.09
CA ASP B 27 32.28 -19.25 -26.25
C ASP B 27 30.79 -18.92 -26.24
N GLN B 28 30.15 -18.97 -27.42
CA GLN B 28 28.71 -18.72 -27.48
C GLN B 28 27.94 -19.77 -26.68
N LEU B 29 28.33 -21.04 -26.81
CA LEU B 29 27.65 -22.09 -26.07
C LEU B 29 27.83 -21.92 -24.57
N ASN B 30 29.03 -21.51 -24.14
CA ASN B 30 29.25 -21.24 -22.72
C ASN B 30 28.29 -20.18 -22.21
N ILE B 31 28.03 -19.15 -23.01
CA ILE B 31 27.12 -18.09 -22.59
C ILE B 31 25.70 -18.62 -22.50
N ILE B 32 25.26 -19.35 -23.52
CA ILE B 32 23.92 -19.92 -23.52
C ILE B 32 23.73 -20.82 -22.30
N VAL B 33 24.71 -21.68 -22.02
CA VAL B 33 24.58 -22.61 -20.90
C VAL B 33 24.48 -21.87 -19.58
N SER B 34 25.12 -20.70 -19.47
CA SER B 34 25.10 -19.93 -18.24
C SER B 34 23.82 -19.12 -18.06
N TYR B 35 22.91 -19.13 -19.03
CA TYR B 35 21.66 -18.40 -18.93
C TYR B 35 20.91 -18.78 -17.66
N PRO B 36 20.17 -17.86 -17.05
CA PRO B 36 19.26 -18.25 -15.97
C PRO B 36 18.27 -19.28 -16.46
N PRO B 37 17.63 -20.02 -15.54
CA PRO B 37 16.83 -21.19 -15.99
C PRO B 37 15.61 -20.84 -16.83
N THR B 38 14.98 -19.69 -16.60
CA THR B 38 13.76 -19.33 -17.33
C THR B 38 13.98 -18.30 -18.42
N LYS B 39 15.23 -18.02 -18.78
CA LYS B 39 15.52 -17.14 -19.91
C LYS B 39 15.25 -17.91 -21.21
N GLN B 40 14.38 -17.35 -22.05
CA GLN B 40 14.00 -18.04 -23.28
C GLN B 40 15.15 -18.03 -24.27
N LEU B 41 15.40 -19.18 -24.88
CA LEU B 41 16.40 -19.27 -25.94
C LEU B 41 15.81 -18.83 -27.27
N THR B 42 16.61 -18.09 -28.04
CA THR B 42 16.21 -17.75 -29.39
C THR B 42 16.26 -18.99 -30.28
N TYR B 43 15.60 -18.92 -31.43
CA TYR B 43 15.64 -20.04 -32.36
C TYR B 43 17.06 -20.33 -32.81
N GLU B 44 17.89 -19.30 -32.94
CA GLU B 44 19.30 -19.50 -33.28
C GLU B 44 20.03 -20.25 -32.17
N GLU B 45 19.77 -19.88 -30.92
CA GLU B 45 20.43 -20.55 -29.81
C GLU B 45 19.95 -21.99 -29.68
N GLN B 46 18.65 -22.23 -29.86
CA GLN B 46 18.15 -23.60 -29.90
C GLN B 46 18.83 -24.39 -31.00
N ASP B 47 18.91 -23.80 -32.20
CA ASP B 47 19.58 -24.48 -33.31
C ASP B 47 21.01 -24.84 -32.96
N LEU B 48 21.73 -23.92 -32.31
CA LEU B 48 23.12 -24.17 -31.95
C LEU B 48 23.23 -25.25 -30.88
N VAL B 49 22.39 -25.17 -29.85
CA VAL B 49 22.42 -26.17 -28.79
C VAL B 49 22.12 -27.55 -29.36
N TRP B 50 21.10 -27.65 -30.21
CA TRP B 50 20.79 -28.93 -30.84
C TRP B 50 21.94 -29.40 -31.71
N LYS B 51 22.49 -28.51 -32.54
CA LYS B 51 23.58 -28.88 -33.44
C LYS B 51 24.74 -29.51 -32.68
N PHE B 52 25.10 -28.93 -31.53
CA PHE B 52 26.25 -29.40 -30.76
C PHE B 52 25.82 -30.18 -29.53
N ARG B 53 24.68 -30.87 -29.61
CA ARG B 53 24.18 -31.62 -28.46
C ARG B 53 25.18 -32.66 -28.00
N TYR B 54 25.82 -33.37 -28.94
CA TYR B 54 26.78 -34.39 -28.55
C TYR B 54 28.02 -33.81 -27.87
N TYR B 55 28.42 -32.60 -28.27
CA TYR B 55 29.55 -31.95 -27.62
C TYR B 55 29.23 -31.51 -26.20
N LEU B 56 27.95 -31.30 -25.88
CA LEU B 56 27.53 -30.77 -24.59
C LEU B 56 27.24 -31.84 -23.55
N THR B 57 27.33 -33.13 -23.91
CA THR B 57 26.87 -34.19 -23.01
C THR B 57 27.70 -34.31 -21.74
N ASN B 58 28.92 -33.75 -21.72
CA ASN B 58 29.75 -33.78 -20.52
C ASN B 58 29.61 -32.50 -19.70
N GLN B 59 28.62 -31.67 -20.01
CA GLN B 59 28.32 -30.44 -19.26
C GLN B 59 26.96 -30.65 -18.59
N GLU B 60 26.98 -30.98 -17.30
CA GLU B 60 25.73 -31.15 -16.57
C GLU B 60 24.87 -29.90 -16.64
N LYS B 61 25.51 -28.72 -16.74
CA LYS B 61 24.78 -27.46 -16.78
C LYS B 61 24.07 -27.23 -18.10
N ALA B 62 24.44 -27.96 -19.16
CA ALA B 62 23.85 -27.76 -20.47
C ALA B 62 22.62 -28.62 -20.70
N LEU B 63 22.34 -29.59 -19.82
CA LEU B 63 21.23 -30.52 -20.06
C LEU B 63 19.90 -29.78 -20.13
N THR B 64 19.64 -28.88 -19.18
CA THR B 64 18.39 -28.13 -19.21
C THR B 64 18.26 -27.31 -20.49
N LYS B 65 19.35 -26.67 -20.92
CA LYS B 65 19.31 -25.94 -22.18
C LYS B 65 18.96 -26.86 -23.35
N PHE B 66 19.58 -28.04 -23.39
CA PHE B 66 19.26 -28.99 -24.45
C PHE B 66 17.78 -29.38 -24.42
N LEU B 67 17.27 -29.72 -23.23
CA LEU B 67 15.89 -30.14 -23.12
C LEU B 67 14.93 -29.05 -23.59
N LYS B 68 15.32 -27.79 -23.48
CA LYS B 68 14.46 -26.69 -23.89
C LYS B 68 14.59 -26.35 -25.37
N CYS B 69 15.49 -27.00 -26.09
N CYS B 69 15.49 -27.01 -26.09
CA CYS B 69 15.56 -26.88 -27.54
CA CYS B 69 15.58 -26.89 -27.53
C CYS B 69 14.75 -27.96 -28.25
C CYS B 69 14.89 -28.04 -28.25
N VAL B 70 14.21 -28.92 -27.52
CA VAL B 70 13.46 -30.03 -28.08
C VAL B 70 12.01 -29.63 -28.21
N ASN B 71 11.40 -29.93 -29.35
CA ASN B 71 9.94 -29.88 -29.49
C ASN B 71 9.42 -31.27 -29.12
N TRP B 72 8.87 -31.39 -27.93
CA TRP B 72 8.39 -32.66 -27.40
C TRP B 72 7.09 -33.11 -28.03
N ASP B 73 6.53 -32.34 -28.97
CA ASP B 73 5.33 -32.74 -29.69
C ASP B 73 5.64 -33.55 -30.93
N LEU B 74 6.92 -33.74 -31.26
CA LEU B 74 7.34 -34.57 -32.38
C LEU B 74 7.94 -35.87 -31.84
N PRO B 75 7.35 -37.03 -32.14
CA PRO B 75 7.83 -38.26 -31.50
C PRO B 75 9.27 -38.62 -31.85
N GLN B 76 9.67 -38.46 -33.11
CA GLN B 76 11.03 -38.82 -33.50
C GLN B 76 12.05 -37.95 -32.79
N GLU B 77 11.84 -36.63 -32.78
CA GLU B 77 12.74 -35.73 -32.08
C GLU B 77 12.73 -36.00 -30.58
N ALA B 78 11.53 -36.19 -30.01
CA ALA B 78 11.44 -36.49 -28.58
C ALA B 78 12.17 -37.79 -28.25
N LYS B 79 12.10 -38.79 -29.14
CA LYS B 79 12.78 -40.05 -28.88
C LYS B 79 14.29 -39.86 -28.89
N GLN B 80 14.82 -39.08 -29.84
CA GLN B 80 16.24 -38.81 -29.85
C GLN B 80 16.66 -38.03 -28.62
N ALA B 81 15.86 -37.04 -28.21
CA ALA B 81 16.18 -36.26 -27.02
C ALA B 81 16.26 -37.14 -25.78
N LEU B 82 15.33 -38.09 -25.66
CA LEU B 82 15.35 -38.98 -24.49
C LEU B 82 16.56 -39.90 -24.51
N GLU B 83 17.00 -40.34 -25.70
CA GLU B 83 18.23 -41.10 -25.78
C GLU B 83 19.39 -40.35 -25.17
N LEU B 84 19.57 -39.08 -25.59
CA LEU B 84 20.68 -38.28 -25.09
C LEU B 84 20.50 -37.93 -23.61
N LEU B 85 19.25 -37.75 -23.16
CA LEU B 85 19.02 -37.51 -21.74
C LEU B 85 19.60 -38.63 -20.90
N GLY B 86 19.44 -39.88 -21.35
CA GLY B 86 19.99 -41.00 -20.60
C GLY B 86 21.50 -41.06 -20.62
N LYS B 87 22.13 -40.51 -21.65
CA LYS B 87 23.58 -40.53 -21.78
C LYS B 87 24.25 -39.27 -21.25
N TRP B 88 23.48 -38.26 -20.88
CA TRP B 88 24.03 -36.99 -20.44
C TRP B 88 24.65 -37.12 -19.05
N LYS B 89 25.68 -36.33 -18.81
CA LYS B 89 26.21 -36.19 -17.46
C LYS B 89 25.08 -35.73 -16.55
N PRO B 90 24.76 -36.49 -15.51
CA PRO B 90 23.56 -36.17 -14.71
C PRO B 90 23.62 -34.76 -14.16
N MET B 91 22.48 -34.07 -14.24
CA MET B 91 22.41 -32.70 -13.78
C MET B 91 22.30 -32.63 -12.26
N ASP B 92 22.77 -31.52 -11.70
CA ASP B 92 22.69 -31.32 -10.26
C ASP B 92 21.25 -31.32 -9.79
N VAL B 93 21.08 -31.61 -8.49
CA VAL B 93 19.74 -31.56 -7.90
C VAL B 93 19.13 -30.17 -8.09
N GLU B 94 19.92 -29.13 -7.84
CA GLU B 94 19.42 -27.76 -7.96
C GLU B 94 18.81 -27.51 -9.33
N ASP B 95 19.41 -28.07 -10.38
CA ASP B 95 18.92 -27.82 -11.73
C ASP B 95 17.71 -28.69 -12.08
N SER B 96 17.58 -29.86 -11.46
CA SER B 96 16.47 -30.74 -11.77
C SER B 96 15.12 -30.12 -11.43
N LEU B 97 15.08 -29.17 -10.48
CA LEU B 97 13.82 -28.52 -10.15
C LEU B 97 13.21 -27.86 -11.36
N GLU B 98 14.04 -27.34 -12.28
CA GLU B 98 13.52 -26.72 -13.49
C GLU B 98 12.66 -27.68 -14.29
N LEU B 99 13.00 -28.98 -14.28
CA LEU B 99 12.27 -29.96 -15.07
C LEU B 99 10.89 -30.29 -14.50
N LEU B 100 10.55 -29.79 -13.32
CA LEU B 100 9.25 -30.01 -12.72
C LEU B 100 8.32 -28.81 -12.87
N SER B 101 8.78 -27.75 -13.53
CA SER B 101 7.96 -26.58 -13.76
C SER B 101 6.89 -26.88 -14.81
N SER B 102 6.01 -25.90 -15.04
CA SER B 102 4.94 -26.06 -16.01
C SER B 102 5.44 -26.21 -17.45
N HIS B 103 6.72 -25.94 -17.71
CA HIS B 103 7.21 -25.99 -19.08
C HIS B 103 7.29 -27.42 -19.60
N TYR B 104 7.47 -28.40 -18.72
CA TYR B 104 7.77 -29.77 -19.13
C TYR B 104 6.57 -30.67 -18.93
N THR B 105 6.06 -31.22 -20.03
CA THR B 105 4.97 -32.17 -20.01
C THR B 105 5.43 -33.61 -20.24
N ASN B 106 6.63 -33.81 -20.78
CA ASN B 106 7.08 -35.15 -21.14
C ASN B 106 7.25 -36.00 -19.90
N PRO B 107 6.56 -37.15 -19.80
CA PRO B 107 6.66 -37.95 -18.57
C PRO B 107 8.07 -38.41 -18.24
N THR B 108 8.86 -38.80 -19.25
CA THR B 108 10.20 -39.28 -18.97
C THR B 108 11.09 -38.17 -18.43
N VAL B 109 10.95 -36.95 -18.97
CA VAL B 109 11.71 -35.82 -18.44
C VAL B 109 11.34 -35.58 -16.98
N ARG B 110 10.05 -35.58 -16.67
CA ARG B 110 9.61 -35.35 -15.29
C ARG B 110 10.05 -36.49 -14.38
N ARG B 111 10.03 -37.73 -14.88
CA ARG B 111 10.57 -38.84 -14.11
C ARG B 111 12.06 -38.65 -13.85
N TYR B 112 12.79 -38.16 -14.85
CA TYR B 112 14.22 -37.92 -14.69
C TYR B 112 14.48 -36.93 -13.56
N ALA B 113 13.71 -35.83 -13.52
CA ALA B 113 13.87 -34.86 -12.45
C ALA B 113 13.71 -35.51 -11.08
N VAL B 114 12.68 -36.35 -10.93
CA VAL B 114 12.49 -37.07 -9.67
C VAL B 114 13.68 -37.95 -9.37
N ALA B 115 14.19 -38.65 -10.39
CA ALA B 115 15.36 -39.49 -10.19
C ALA B 115 16.55 -38.69 -9.68
N ARG B 116 16.65 -37.43 -10.10
CA ARG B 116 17.71 -36.57 -9.57
C ARG B 116 17.43 -36.17 -8.12
N LEU B 117 16.17 -35.92 -7.80
CA LEU B 117 15.82 -35.54 -6.43
C LEU B 117 16.03 -36.70 -5.46
N ARG B 118 15.96 -37.94 -5.94
CA ARG B 118 16.30 -39.08 -5.10
C ARG B 118 17.68 -38.92 -4.50
N GLN B 119 18.59 -38.24 -5.21
CA GLN B 119 19.95 -38.04 -4.75
C GLN B 119 20.06 -36.99 -3.65
N ALA B 120 19.04 -36.17 -3.44
CA ALA B 120 19.07 -35.16 -2.39
C ALA B 120 18.78 -35.79 -1.03
N ASP B 121 19.54 -35.39 -0.02
CA ASP B 121 19.27 -35.87 1.33
C ASP B 121 18.06 -35.15 1.91
N ASP B 122 17.57 -35.67 3.03
CA ASP B 122 16.30 -35.19 3.59
C ASP B 122 16.36 -33.71 3.92
N GLU B 123 17.50 -33.24 4.44
CA GLU B 123 17.61 -31.84 4.83
C GLU B 123 17.49 -30.92 3.63
N ASP B 124 18.13 -31.28 2.51
CA ASP B 124 17.98 -30.50 1.28
C ASP B 124 16.55 -30.58 0.75
N LEU B 125 15.97 -31.78 0.74
CA LEU B 125 14.62 -31.95 0.23
C LEU B 125 13.63 -31.07 0.99
N LEU B 126 13.82 -30.94 2.31
CA LEU B 126 12.95 -30.07 3.09
C LEU B 126 13.02 -28.63 2.60
N MET B 127 14.20 -28.19 2.15
N MET B 127 14.19 -28.19 2.15
CA MET B 127 14.36 -26.83 1.67
CA MET B 127 14.33 -26.81 1.70
C MET B 127 13.54 -26.57 0.41
C MET B 127 13.62 -26.57 0.36
N TYR B 128 13.25 -27.62 -0.37
CA TYR B 128 12.52 -27.49 -1.62
C TYR B 128 11.06 -27.92 -1.51
N LEU B 129 10.64 -28.45 -0.35
CA LEU B 129 9.38 -29.17 -0.27
C LEU B 129 8.19 -28.25 -0.57
N LEU B 130 8.19 -27.04 -0.04
CA LEU B 130 7.07 -26.12 -0.28
C LEU B 130 6.83 -25.95 -1.77
N GLN B 131 7.91 -25.75 -2.53
CA GLN B 131 7.77 -25.57 -3.97
C GLN B 131 7.40 -26.87 -4.67
N LEU B 132 7.91 -28.01 -4.19
CA LEU B 132 7.58 -29.28 -4.80
C LEU B 132 6.10 -29.61 -4.65
N VAL B 133 5.48 -29.21 -3.54
CA VAL B 133 4.05 -29.39 -3.39
C VAL B 133 3.30 -28.58 -4.43
N GLN B 134 3.79 -27.38 -4.73
CA GLN B 134 3.20 -26.59 -5.81
C GLN B 134 3.40 -27.27 -7.15
N ALA B 135 4.56 -27.91 -7.36
CA ALA B 135 4.86 -28.54 -8.64
C ALA B 135 3.94 -29.71 -8.95
N LEU B 136 3.23 -30.24 -7.95
CA LEU B 136 2.26 -31.30 -8.21
C LEU B 136 1.21 -30.84 -9.21
N LYS B 137 0.96 -29.54 -9.29
CA LYS B 137 0.02 -29.01 -10.27
C LYS B 137 0.40 -29.37 -11.69
N TYR B 138 1.68 -29.66 -11.95
CA TYR B 138 2.17 -29.94 -13.29
C TYR B 138 2.37 -31.43 -13.54
N GLU B 139 1.90 -32.28 -12.62
CA GLU B 139 2.02 -33.72 -12.76
C GLU B 139 0.79 -34.28 -13.45
N ASN B 140 0.82 -35.58 -13.73
CA ASN B 140 -0.30 -36.26 -14.38
C ASN B 140 -1.36 -36.58 -13.32
N PHE B 141 -2.49 -35.87 -13.38
CA PHE B 141 -3.51 -36.03 -12.35
C PHE B 141 -4.08 -37.45 -12.33
N ASP B 142 -4.16 -38.10 -13.49
CA ASP B 142 -4.71 -39.44 -13.54
C ASP B 142 -3.81 -40.44 -12.83
N ASP B 143 -2.49 -40.36 -13.06
CA ASP B 143 -1.56 -41.25 -12.37
C ASP B 143 -1.69 -41.11 -10.86
N ILE B 144 -1.85 -39.88 -10.37
CA ILE B 144 -2.00 -39.66 -8.93
C ILE B 144 -3.26 -40.32 -8.42
N LYS B 145 -4.38 -40.11 -9.12
CA LYS B 145 -5.64 -40.71 -8.71
C LYS B 145 -5.59 -42.22 -8.77
N ASN B 146 -5.10 -42.77 -9.88
CA ASN B 146 -5.08 -44.22 -10.06
C ASN B 146 -4.14 -44.93 -9.09
N GLY B 147 -3.25 -44.19 -8.41
CA GLY B 147 -2.42 -44.81 -7.39
C GLY B 147 -3.15 -45.24 -6.15
N LEU B 148 -4.44 -44.90 -6.03
CA LEU B 148 -5.24 -45.25 -4.86
C LEU B 148 -5.79 -46.67 -4.97
N GLU B 205 11.14 -46.08 -10.82
CA GLU B 205 10.65 -44.96 -11.62
C GLU B 205 9.42 -44.34 -10.99
N GLN B 206 9.63 -43.50 -9.99
CA GLN B 206 8.54 -42.83 -9.30
C GLN B 206 8.22 -41.49 -9.97
N ASP B 207 6.96 -41.08 -9.85
CA ASP B 207 6.60 -39.72 -10.18
C ASP B 207 6.75 -38.84 -8.93
N LEU B 208 6.42 -37.57 -9.04
CA LEU B 208 6.67 -36.64 -7.93
C LEU B 208 5.86 -37.01 -6.70
N CYS B 209 4.56 -37.24 -6.87
CA CYS B 209 3.70 -37.58 -5.74
C CYS B 209 4.19 -38.85 -5.04
N THR B 210 4.45 -39.91 -5.82
CA THR B 210 4.97 -41.14 -5.25
C THR B 210 6.28 -40.90 -4.50
N PHE B 211 7.17 -40.09 -5.09
CA PHE B 211 8.47 -39.84 -4.48
C PHE B 211 8.32 -39.12 -3.14
N LEU B 212 7.54 -38.03 -3.13
CA LEU B 212 7.36 -37.26 -1.91
C LEU B 212 6.79 -38.11 -0.78
N ILE B 213 5.74 -38.89 -1.08
CA ILE B 213 5.17 -39.79 -0.06
C ILE B 213 6.21 -40.80 0.40
N SER B 214 6.96 -41.38 -0.54
CA SER B 214 7.97 -42.37 -0.18
C SER B 214 8.99 -41.78 0.80
N ARG B 215 9.48 -40.58 0.51
CA ARG B 215 10.44 -39.96 1.41
C ARG B 215 9.78 -39.55 2.73
N ALA B 216 8.51 -39.16 2.71
CA ALA B 216 7.83 -38.76 3.94
C ALA B 216 7.65 -39.95 4.87
N CYS B 217 7.38 -41.14 4.35
CA CYS B 217 7.23 -42.32 5.18
C CYS B 217 8.53 -42.73 5.87
N LYS B 218 9.66 -42.15 5.47
CA LYS B 218 10.96 -42.48 6.06
C LYS B 218 11.54 -41.34 6.87
N ASN B 219 10.82 -40.23 7.02
CA ASN B 219 11.32 -39.06 7.76
C ASN B 219 10.12 -38.32 8.33
N SER B 220 9.99 -38.33 9.66
CA SER B 220 8.83 -37.72 10.30
C SER B 220 8.79 -36.22 10.07
N THR B 221 9.94 -35.57 9.90
CA THR B 221 9.94 -34.13 9.62
C THR B 221 9.37 -33.86 8.23
N LEU B 222 9.84 -34.58 7.21
CA LEU B 222 9.26 -34.45 5.88
C LEU B 222 7.77 -34.76 5.91
N ALA B 223 7.37 -35.82 6.63
CA ALA B 223 5.96 -36.15 6.74
C ALA B 223 5.17 -35.00 7.35
N ASN B 224 5.71 -34.38 8.40
CA ASN B 224 5.02 -33.27 9.06
C ASN B 224 4.71 -32.16 8.06
N TYR B 225 5.72 -31.70 7.31
CA TYR B 225 5.53 -30.57 6.42
C TYR B 225 4.76 -30.95 5.16
N LEU B 226 4.96 -32.16 4.64
CA LEU B 226 4.14 -32.61 3.51
C LEU B 226 2.66 -32.57 3.87
N TYR B 227 2.31 -33.06 5.06
CA TYR B 227 0.90 -33.06 5.47
C TYR B 227 0.33 -31.66 5.48
N TRP B 228 1.02 -30.72 6.13
CA TRP B 228 0.44 -29.39 6.31
C TRP B 228 0.46 -28.61 5.01
N TYR B 229 1.52 -28.75 4.21
CA TYR B 229 1.54 -28.11 2.89
C TYR B 229 0.36 -28.59 2.05
N VAL B 230 0.09 -29.90 2.06
CA VAL B 230 -0.95 -30.46 1.20
C VAL B 230 -2.34 -30.14 1.76
N ILE B 231 -2.50 -30.19 3.09
CA ILE B 231 -3.81 -29.92 3.68
C ILE B 231 -4.23 -28.48 3.41
N VAL B 232 -3.27 -27.56 3.36
CA VAL B 232 -3.60 -26.18 2.99
C VAL B 232 -4.09 -26.13 1.55
N GLU B 233 -3.42 -26.85 0.65
CA GLU B 233 -3.89 -26.92 -0.74
C GLU B 233 -5.27 -27.53 -0.83
N CYS B 234 -5.59 -28.48 0.06
CA CYS B 234 -6.90 -29.11 0.03
C CYS B 234 -8.00 -28.15 0.49
N GLU B 235 -7.68 -27.23 1.39
CA GLU B 235 -8.65 -26.29 1.94
C GLU B 235 -8.69 -24.97 1.18
N ASP B 236 -7.86 -24.81 0.15
CA ASP B 236 -7.88 -23.59 -0.66
C ASP B 236 -9.16 -23.52 -1.47
N GLN B 237 -10.18 -22.85 -0.92
CA GLN B 237 -11.46 -22.74 -1.63
C GLN B 237 -11.32 -22.04 -2.97
N ASP B 238 -10.29 -21.21 -3.14
CA ASP B 238 -10.06 -20.56 -4.42
C ASP B 238 -9.66 -21.57 -5.49
N THR B 239 -8.73 -22.48 -5.14
CA THR B 239 -8.42 -23.59 -6.04
C THR B 239 -9.67 -24.43 -6.33
N GLN B 240 -10.52 -24.61 -5.32
CA GLN B 240 -11.72 -25.42 -5.49
C GLN B 240 -12.67 -24.79 -6.51
N GLN B 241 -12.81 -23.46 -6.46
CA GLN B 241 -13.71 -22.78 -7.39
C GLN B 241 -13.10 -22.68 -8.78
N ARG B 242 -11.85 -22.22 -8.86
CA ARG B 242 -11.27 -21.84 -10.14
C ARG B 242 -10.64 -23.02 -10.87
N ASP B 243 -10.01 -23.93 -10.14
CA ASP B 243 -9.34 -25.10 -10.72
C ASP B 243 -9.79 -26.36 -9.99
N PRO B 244 -11.03 -26.79 -10.21
CA PRO B 244 -11.53 -27.97 -9.47
C PRO B 244 -10.70 -29.22 -9.67
N LYS B 245 -10.19 -29.45 -10.89
CA LYS B 245 -9.37 -30.63 -11.12
C LYS B 245 -8.09 -30.60 -10.30
N THR B 246 -7.48 -29.43 -10.18
CA THR B 246 -6.29 -29.31 -9.35
C THR B 246 -6.61 -29.54 -7.87
N HIS B 247 -7.70 -28.94 -7.39
CA HIS B 247 -8.14 -29.19 -6.02
C HIS B 247 -8.40 -30.67 -5.79
N GLU B 248 -9.04 -31.34 -6.74
CA GLU B 248 -9.26 -32.78 -6.61
C GLU B 248 -7.95 -33.54 -6.61
N MET B 249 -6.96 -33.06 -7.38
CA MET B 249 -5.65 -33.71 -7.37
C MET B 249 -5.02 -33.66 -5.98
N TYR B 250 -5.12 -32.51 -5.31
CA TYR B 250 -4.52 -32.38 -3.99
C TYR B 250 -5.25 -33.25 -2.96
N LEU B 251 -6.58 -33.37 -3.10
CA LEU B 251 -7.31 -34.33 -2.28
C LEU B 251 -6.75 -35.74 -2.47
N ASN B 252 -6.45 -36.11 -3.72
CA ASN B 252 -5.91 -37.43 -3.99
C ASN B 252 -4.51 -37.59 -3.42
N VAL B 253 -3.69 -36.53 -3.47
CA VAL B 253 -2.37 -36.60 -2.85
C VAL B 253 -2.49 -36.89 -1.36
N MET B 254 -3.42 -36.21 -0.69
CA MET B 254 -3.62 -36.46 0.74
C MET B 254 -4.16 -37.86 0.98
N ARG B 255 -5.09 -38.32 0.14
CA ARG B 255 -5.58 -39.69 0.25
C ARG B 255 -4.44 -40.68 0.02
N ARG B 256 -3.60 -40.42 -0.98
CA ARG B 256 -2.45 -41.28 -1.24
C ARG B 256 -1.50 -41.29 -0.05
N PHE B 257 -1.25 -40.11 0.54
CA PHE B 257 -0.36 -40.01 1.69
C PHE B 257 -0.93 -40.78 2.89
N SER B 258 -2.18 -40.51 3.24
CA SER B 258 -2.84 -41.24 4.31
C SER B 258 -2.78 -42.75 4.06
N GLN B 259 -3.06 -43.16 2.83
CA GLN B 259 -3.06 -44.58 2.50
C GLN B 259 -1.68 -45.21 2.70
N ALA B 260 -0.63 -44.50 2.31
CA ALA B 260 0.72 -45.03 2.46
C ALA B 260 1.12 -45.15 3.93
N LEU B 261 0.72 -44.18 4.75
CA LEU B 261 1.07 -44.20 6.16
C LEU B 261 0.39 -45.36 6.89
N LEU B 262 -0.89 -45.60 6.57
CA LEU B 262 -1.61 -46.70 7.23
C LEU B 262 -1.13 -48.05 6.75
N LYS B 263 -0.69 -48.14 5.50
CA LYS B 263 -0.23 -49.41 4.95
C LYS B 263 1.06 -49.87 5.60
N GLY B 264 1.93 -48.92 5.95
CA GLY B 264 3.29 -49.23 6.38
C GLY B 264 3.42 -49.82 7.77
N ASP B 265 4.64 -49.81 8.30
CA ASP B 265 4.93 -50.42 9.59
C ASP B 265 4.50 -49.47 10.72
N LYS B 266 4.78 -49.86 11.97
CA LYS B 266 4.32 -49.07 13.10
C LYS B 266 4.87 -47.64 13.07
N SER B 267 6.09 -47.46 12.58
CA SER B 267 6.65 -46.11 12.55
C SER B 267 5.75 -45.16 11.73
N VAL B 268 5.33 -45.60 10.55
CA VAL B 268 4.49 -44.73 9.72
C VAL B 268 3.06 -44.69 10.22
N ARG B 269 2.54 -45.80 10.77
CA ARG B 269 1.19 -45.78 11.32
C ARG B 269 1.11 -44.85 12.54
N VAL B 270 2.16 -44.80 13.35
CA VAL B 270 2.20 -43.83 14.44
C VAL B 270 2.30 -42.42 13.89
N MET B 271 3.07 -42.22 12.82
CA MET B 271 3.11 -40.93 12.15
C MET B 271 1.70 -40.46 11.80
N ARG B 272 0.90 -41.35 11.21
CA ARG B 272 -0.46 -40.99 10.83
C ARG B 272 -1.26 -40.53 12.03
N SER B 273 -1.14 -41.24 13.16
N SER B 273 -1.15 -41.25 13.15
CA SER B 273 -1.89 -40.86 14.36
CA SER B 273 -1.88 -40.86 14.36
C SER B 273 -1.41 -39.53 14.91
C SER B 273 -1.41 -39.51 14.87
N LEU B 274 -0.11 -39.23 14.80
CA LEU B 274 0.40 -37.96 15.29
C LEU B 274 -0.09 -36.80 14.41
N LEU B 275 -0.11 -37.00 13.09
CA LEU B 275 -0.69 -35.99 12.21
C LEU B 275 -2.14 -35.73 12.57
N ALA B 276 -2.92 -36.80 12.77
CA ALA B 276 -4.32 -36.65 13.16
C ALA B 276 -4.44 -35.88 14.48
N ALA B 277 -3.57 -36.19 15.45
CA ALA B 277 -3.61 -35.48 16.73
C ALA B 277 -3.22 -34.02 16.56
N GLN B 278 -2.23 -33.73 15.71
CA GLN B 278 -1.89 -32.35 15.39
C GLN B 278 -3.11 -31.63 14.84
N GLN B 279 -3.76 -32.21 13.83
CA GLN B 279 -4.90 -31.56 13.20
C GLN B 279 -6.00 -31.28 14.21
N THR B 280 -6.27 -32.24 15.10
CA THR B 280 -7.29 -32.02 16.13
C THR B 280 -6.90 -30.87 17.05
N PHE B 281 -5.63 -30.81 17.44
CA PHE B 281 -5.17 -29.70 18.28
C PHE B 281 -5.39 -28.36 17.58
N VAL B 282 -4.98 -28.26 16.31
CA VAL B 282 -5.16 -27.03 15.57
C VAL B 282 -6.64 -26.69 15.44
N ASP B 283 -7.47 -27.72 15.18
CA ASP B 283 -8.91 -27.49 15.09
C ASP B 283 -9.44 -26.84 16.37
N ARG B 284 -9.09 -27.40 17.52
CA ARG B 284 -9.58 -26.86 18.79
C ARG B 284 -9.02 -25.47 19.04
N LEU B 285 -7.77 -25.22 18.65
CA LEU B 285 -7.21 -23.89 18.77
C LEU B 285 -7.95 -22.89 17.87
N VAL B 286 -8.27 -23.31 16.65
CA VAL B 286 -9.05 -22.45 15.75
C VAL B 286 -10.40 -22.13 16.37
N HIS B 287 -11.08 -23.14 16.90
CA HIS B 287 -12.39 -22.92 17.51
C HIS B 287 -12.29 -21.98 18.68
N LEU B 288 -11.20 -22.06 19.46
CA LEU B 288 -11.05 -21.18 20.61
C LEU B 288 -10.83 -19.73 20.18
N MET B 289 -10.08 -19.53 19.09
CA MET B 289 -9.89 -18.18 18.57
C MET B 289 -11.22 -17.58 18.13
N LYS B 290 -12.03 -18.36 17.42
CA LYS B 290 -13.36 -17.88 17.04
C LYS B 290 -14.20 -17.57 18.28
N ALA B 291 -14.11 -18.42 19.31
CA ALA B 291 -14.86 -18.17 20.54
C ALA B 291 -14.43 -16.86 21.18
N VAL B 292 -13.13 -16.55 21.13
CA VAL B 292 -12.66 -15.28 21.68
C VAL B 292 -13.19 -14.11 20.87
N GLN B 293 -13.40 -14.31 19.56
CA GLN B 293 -13.79 -13.21 18.68
C GLN B 293 -15.28 -13.07 18.51
N ARG B 294 -16.06 -14.11 18.81
CA ARG B 294 -17.50 -13.92 18.89
C ARG B 294 -17.90 -12.97 20.00
N GLU B 295 -16.96 -12.60 20.87
CA GLU B 295 -17.21 -11.75 22.01
C GLU B 295 -17.10 -10.28 21.63
N SER B 296 -17.82 -9.43 22.37
CA SER B 296 -17.94 -8.02 22.06
C SER B 296 -17.03 -7.12 22.91
N GLY B 297 -16.19 -7.71 23.75
CA GLY B 297 -15.44 -6.93 24.72
C GLY B 297 -14.19 -6.26 24.16
N ASN B 298 -13.53 -5.50 25.03
CA ASN B 298 -12.27 -4.85 24.69
C ASN B 298 -11.14 -5.88 24.75
N ARG B 299 -9.92 -5.41 24.46
CA ARG B 299 -8.79 -6.34 24.39
C ARG B 299 -8.55 -7.02 25.74
N LYS B 300 -8.70 -6.28 26.83
CA LYS B 300 -8.54 -6.90 28.15
C LYS B 300 -9.56 -8.00 28.37
N LYS B 301 -10.81 -7.77 27.95
CA LYS B 301 -11.83 -8.80 28.08
C LYS B 301 -11.53 -10.00 27.20
N LYS B 302 -11.02 -9.76 26.00
CA LYS B 302 -10.69 -10.87 25.10
C LYS B 302 -9.50 -11.68 25.62
N ASN B 303 -8.52 -10.99 26.21
CA ASN B 303 -7.41 -11.71 26.84
C ASN B 303 -7.92 -12.56 27.99
N GLU B 304 -8.74 -11.97 28.87
CA GLU B 304 -9.33 -12.71 29.97
C GLU B 304 -10.08 -13.94 29.48
N ARG B 305 -10.84 -13.81 28.39
CA ARG B 305 -11.55 -14.95 27.83
C ARG B 305 -10.59 -15.94 27.19
N LEU B 306 -9.59 -15.45 26.46
CA LEU B 306 -8.61 -16.32 25.83
C LEU B 306 -7.94 -17.22 26.87
N GLN B 307 -7.55 -16.65 28.01
CA GLN B 307 -6.90 -17.43 29.05
C GLN B 307 -7.88 -18.32 29.80
N ALA B 308 -9.13 -17.90 29.90
CA ALA B 308 -10.14 -18.74 30.56
C ALA B 308 -10.40 -20.01 29.76
N LEU B 309 -10.57 -19.87 28.44
CA LEU B 309 -10.80 -21.04 27.60
C LEU B 309 -9.57 -21.94 27.58
N LEU B 310 -8.37 -21.35 27.48
CA LEU B 310 -7.15 -22.16 27.50
C LEU B 310 -6.99 -22.89 28.83
N GLY B 311 -7.47 -22.30 29.92
CA GLY B 311 -7.33 -22.93 31.23
C GLY B 311 -8.30 -24.08 31.48
N ASP B 312 -9.37 -24.16 30.70
CA ASP B 312 -10.36 -25.24 30.86
C ASP B 312 -9.96 -26.38 29.93
N ASN B 313 -9.11 -27.26 30.44
CA ASN B 313 -8.66 -28.40 29.63
C ASN B 313 -9.81 -29.35 29.33
N GLU B 314 -10.77 -29.48 30.25
CA GLU B 314 -11.86 -30.43 30.06
C GLU B 314 -12.71 -30.06 28.85
N LYS B 315 -12.90 -28.77 28.60
CA LYS B 315 -13.77 -28.32 27.52
C LYS B 315 -13.01 -28.11 26.21
N MET B 316 -11.86 -27.44 26.27
CA MET B 316 -11.08 -27.12 25.08
C MET B 316 -9.95 -28.11 24.83
N ASN B 317 -9.32 -28.62 25.89
CA ASN B 317 -8.26 -29.62 25.77
C ASN B 317 -7.03 -29.05 25.06
N LEU B 318 -6.58 -27.88 25.52
CA LEU B 318 -5.37 -27.26 25.01
C LEU B 318 -4.35 -26.93 26.07
N SER B 319 -4.70 -27.05 27.36
CA SER B 319 -3.75 -26.75 28.42
C SER B 319 -2.82 -27.94 28.69
N ASP B 320 -3.35 -29.16 28.62
CA ASP B 320 -2.56 -30.37 28.86
C ASP B 320 -3.02 -31.43 27.88
N VAL B 321 -2.13 -31.82 26.96
CA VAL B 321 -2.42 -32.86 25.99
C VAL B 321 -1.23 -33.81 25.93
N GLU B 322 -1.46 -34.98 25.33
CA GLU B 322 -0.39 -35.93 25.13
C GLU B 322 0.63 -35.37 24.15
N LEU B 323 1.89 -35.72 24.37
CA LEU B 323 2.99 -35.18 23.57
C LEU B 323 2.72 -35.33 22.08
N ILE B 324 2.75 -34.20 21.37
CA ILE B 324 2.65 -34.20 19.92
C ILE B 324 3.67 -33.24 19.35
N PRO B 325 4.19 -33.56 18.16
CA PRO B 325 5.10 -32.63 17.50
C PRO B 325 4.42 -31.31 17.22
N LEU B 326 5.13 -30.22 17.46
CA LEU B 326 4.64 -28.91 17.10
C LEU B 326 4.64 -28.80 15.58
N PRO B 327 3.49 -28.56 14.94
CA PRO B 327 3.49 -28.48 13.47
C PRO B 327 4.48 -27.46 12.94
N LEU B 328 4.62 -26.33 13.64
CA LEU B 328 5.52 -25.27 13.22
C LEU B 328 6.98 -25.74 13.22
N GLU B 329 7.35 -26.57 14.18
CA GLU B 329 8.70 -27.13 14.24
C GLU B 329 8.59 -28.50 14.90
N PRO B 330 8.37 -29.55 14.10
CA PRO B 330 8.01 -30.85 14.69
C PRO B 330 9.08 -31.46 15.57
N GLN B 331 10.34 -31.03 15.45
CA GLN B 331 11.37 -31.49 16.38
C GLN B 331 11.02 -31.14 17.82
N VAL B 332 10.21 -30.12 18.03
CA VAL B 332 9.78 -29.72 19.37
C VAL B 332 8.46 -30.40 19.67
N LYS B 333 8.43 -31.19 20.74
CA LYS B 333 7.22 -31.86 21.20
C LYS B 333 6.58 -31.01 22.28
N ILE B 334 5.27 -30.75 22.14
CA ILE B 334 4.54 -29.90 23.06
C ILE B 334 3.48 -30.74 23.78
N ARG B 335 3.10 -30.27 24.97
CA ARG B 335 2.07 -30.94 25.76
C ARG B 335 0.95 -29.97 26.15
N GLY B 336 0.80 -28.86 25.42
CA GLY B 336 -0.24 -27.89 25.71
C GLY B 336 0.23 -26.45 25.65
N ILE B 337 -0.68 -25.52 25.91
CA ILE B 337 -0.40 -24.10 25.88
C ILE B 337 -0.56 -23.56 27.30
N ILE B 338 0.42 -22.78 27.74
CA ILE B 338 0.35 -22.15 29.07
C ILE B 338 -0.79 -21.13 29.04
N PRO B 339 -1.84 -21.33 29.84
CA PRO B 339 -3.03 -20.48 29.70
C PRO B 339 -2.82 -19.04 30.17
N GLU B 340 -2.03 -18.83 31.21
CA GLU B 340 -1.98 -17.52 31.85
C GLU B 340 -1.15 -16.50 31.10
N THR B 341 -0.29 -16.92 30.16
CA THR B 341 0.55 -15.99 29.42
C THR B 341 0.07 -15.77 28.00
N ALA B 342 -1.14 -16.22 27.65
CA ALA B 342 -1.68 -16.04 26.31
C ALA B 342 -2.37 -14.69 26.23
N THR B 343 -1.96 -13.87 25.26
CA THR B 343 -2.57 -12.56 25.03
C THR B 343 -2.74 -12.34 23.54
N LEU B 344 -3.61 -11.39 23.21
CA LEU B 344 -3.84 -11.00 21.83
C LEU B 344 -3.00 -9.78 21.48
N PHE B 345 -2.49 -9.75 20.25
CA PHE B 345 -1.77 -8.58 19.78
C PHE B 345 -2.74 -7.43 19.55
N LYS B 346 -2.24 -6.21 19.77
CA LYS B 346 -3.04 -5.00 19.53
C LYS B 346 -2.96 -4.66 18.05
N SER B 347 -3.76 -5.38 17.26
CA SER B 347 -3.81 -5.17 15.82
C SER B 347 -5.21 -5.52 15.33
N ALA B 348 -5.51 -5.12 14.09
CA ALA B 348 -6.85 -5.31 13.55
C ALA B 348 -7.30 -6.76 13.65
N LEU B 349 -6.42 -7.69 13.24
CA LEU B 349 -6.79 -9.10 13.18
C LEU B 349 -6.58 -9.83 14.51
N MET B 350 -5.99 -9.18 15.50
CA MET B 350 -5.85 -9.72 16.85
C MET B 350 -5.32 -11.16 16.85
N PRO B 351 -4.14 -11.40 16.28
CA PRO B 351 -3.51 -12.70 16.45
C PRO B 351 -3.10 -12.90 17.89
N ALA B 352 -2.87 -14.16 18.26
CA ALA B 352 -2.54 -14.50 19.64
C ALA B 352 -1.06 -14.83 19.78
N GLN B 353 -0.50 -14.44 20.91
CA GLN B 353 0.81 -14.93 21.34
C GLN B 353 0.57 -16.05 22.34
N LEU B 354 1.08 -17.24 22.03
CA LEU B 354 0.87 -18.42 22.85
C LEU B 354 2.21 -19.03 23.19
N PHE B 355 2.35 -19.46 24.44
CA PHE B 355 3.56 -20.12 24.91
C PHE B 355 3.27 -21.61 25.05
N PHE B 356 3.91 -22.42 24.21
CA PHE B 356 3.74 -23.86 24.26
C PHE B 356 4.58 -24.47 25.37
N LYS B 357 4.03 -25.49 26.03
CA LYS B 357 4.78 -26.27 26.99
C LYS B 357 5.57 -27.33 26.23
N THR B 358 6.90 -27.23 26.25
CA THR B 358 7.73 -28.20 25.55
C THR B 358 7.91 -29.45 26.42
N GLU B 359 8.52 -30.47 25.81
CA GLU B 359 8.63 -31.76 26.48
C GLU B 359 9.47 -31.69 27.75
N ASP B 360 10.57 -30.93 27.71
CA ASP B 360 11.47 -30.83 28.84
C ASP B 360 11.07 -29.74 29.83
N GLY B 361 9.81 -29.29 29.79
CA GLY B 361 9.33 -28.27 30.69
C GLY B 361 9.62 -26.85 30.27
N GLY B 362 10.20 -26.64 29.10
CA GLY B 362 10.52 -25.31 28.62
C GLY B 362 9.33 -24.63 27.97
N LYS B 363 9.64 -23.58 27.20
CA LYS B 363 8.61 -22.78 26.55
C LYS B 363 9.02 -22.49 25.11
N TYR B 364 8.02 -22.49 24.23
CA TYR B 364 8.20 -22.16 22.81
C TYR B 364 7.10 -21.18 22.44
N PRO B 365 7.39 -19.88 22.40
CA PRO B 365 6.36 -18.91 22.04
C PRO B 365 6.10 -18.88 20.54
N VAL B 366 4.85 -18.66 20.17
CA VAL B 366 4.43 -18.56 18.78
C VAL B 366 3.42 -17.44 18.64
N ILE B 367 3.25 -16.98 17.41
CA ILE B 367 2.09 -16.20 17.00
C ILE B 367 1.16 -17.14 16.25
N PHE B 368 -0.10 -17.19 16.67
CA PHE B 368 -1.13 -17.90 15.92
C PHE B 368 -2.04 -16.87 15.30
N LYS B 369 -2.04 -16.83 13.97
CA LYS B 369 -2.91 -15.93 13.22
C LYS B 369 -4.16 -16.69 12.79
N HIS B 370 -5.31 -16.02 12.94
N HIS B 370 -5.32 -16.05 12.96
CA HIS B 370 -6.61 -16.57 12.57
CA HIS B 370 -6.59 -16.63 12.53
C HIS B 370 -7.33 -15.57 11.68
C HIS B 370 -7.37 -15.60 11.71
N GLY B 371 -7.99 -16.07 10.65
CA GLY B 371 -8.65 -15.19 9.70
C GLY B 371 -7.65 -14.41 8.88
N ASP B 372 -6.56 -15.06 8.47
CA ASP B 372 -5.41 -14.39 7.88
C ASP B 372 -4.63 -15.41 7.07
N ASP B 373 -4.24 -15.03 5.85
CA ASP B 373 -3.51 -15.91 4.95
C ASP B 373 -2.02 -15.63 5.10
N LEU B 374 -1.29 -16.59 5.67
CA LEU B 374 0.14 -16.45 5.94
C LEU B 374 1.03 -16.96 4.81
N ARG B 375 0.45 -17.35 3.67
CA ARG B 375 1.22 -18.10 2.70
C ARG B 375 2.34 -17.28 2.07
N GLN B 376 2.14 -15.97 1.90
CA GLN B 376 3.22 -15.15 1.35
C GLN B 376 4.37 -15.04 2.35
N ASP B 377 4.07 -14.77 3.62
CA ASP B 377 5.10 -14.83 4.65
C ASP B 377 5.74 -16.21 4.70
N GLN B 378 4.94 -17.26 4.59
CA GLN B 378 5.49 -18.62 4.64
C GLN B 378 6.52 -18.84 3.55
N LEU B 379 6.20 -18.43 2.31
CA LEU B 379 7.16 -18.58 1.23
C LEU B 379 8.42 -17.76 1.49
N ILE B 380 8.27 -16.52 1.94
CA ILE B 380 9.43 -15.64 2.11
C ILE B 380 10.34 -16.17 3.20
N LEU B 381 9.77 -16.51 4.37
CA LEU B 381 10.59 -17.05 5.44
C LEU B 381 11.22 -18.38 5.04
N GLN B 382 10.55 -19.15 4.19
CA GLN B 382 11.16 -20.37 3.68
C GLN B 382 12.35 -20.08 2.77
N ILE B 383 12.23 -19.04 1.93
CA ILE B 383 13.35 -18.68 1.06
C ILE B 383 14.48 -18.05 1.87
N ILE B 384 14.13 -17.24 2.89
CA ILE B 384 15.16 -16.66 3.75
C ILE B 384 15.91 -17.76 4.49
N SER B 385 15.20 -18.78 4.98
CA SER B 385 15.87 -19.91 5.61
C SER B 385 16.83 -20.58 4.64
N LEU B 386 16.41 -20.76 3.39
CA LEU B 386 17.28 -21.34 2.38
C LEU B 386 18.51 -20.48 2.16
N MET B 387 18.31 -19.18 1.94
CA MET B 387 19.43 -18.27 1.72
C MET B 387 20.40 -18.30 2.89
N ASP B 388 19.87 -18.31 4.12
CA ASP B 388 20.74 -18.44 5.29
C ASP B 388 21.54 -19.72 5.26
N LYS B 389 20.89 -20.83 4.91
CA LYS B 389 21.60 -22.11 4.85
C LYS B 389 22.65 -22.12 3.74
N LEU B 390 22.34 -21.52 2.59
CA LEU B 390 23.33 -21.41 1.52
C LEU B 390 24.52 -20.59 1.96
N LEU B 391 24.28 -19.46 2.62
CA LEU B 391 25.37 -18.62 3.11
C LEU B 391 26.23 -19.38 4.13
N ARG B 392 25.58 -20.07 5.06
CA ARG B 392 26.34 -20.83 6.04
C ARG B 392 27.16 -21.93 5.37
N LYS B 393 26.59 -22.60 4.37
CA LYS B 393 27.35 -23.60 3.62
C LYS B 393 28.62 -22.99 3.03
N GLU B 394 28.57 -21.71 2.66
CA GLU B 394 29.73 -20.98 2.19
C GLU B 394 30.55 -20.38 3.34
N ASN B 395 30.29 -20.83 4.57
N ASN B 395 30.31 -20.83 4.58
CA ASN B 395 31.04 -20.36 5.74
CA ASN B 395 31.05 -20.36 5.74
C ASN B 395 30.80 -18.87 5.99
C ASN B 395 30.77 -18.89 6.06
N LEU B 396 29.56 -18.43 5.76
CA LEU B 396 29.16 -17.04 6.01
C LEU B 396 27.91 -17.06 6.86
N ASP B 397 28.07 -16.86 8.17
CA ASP B 397 26.97 -16.79 9.12
C ASP B 397 26.73 -15.32 9.45
N LEU B 398 25.71 -14.73 8.82
CA LEU B 398 25.39 -13.33 9.01
C LEU B 398 24.36 -13.10 10.12
N LYS B 399 24.22 -14.05 11.05
CA LYS B 399 23.38 -13.89 12.23
C LYS B 399 21.95 -13.51 11.84
N LEU B 400 21.40 -14.24 10.88
CA LEU B 400 20.05 -13.97 10.41
C LEU B 400 19.03 -14.65 11.32
N THR B 401 17.77 -14.25 11.18
CA THR B 401 16.67 -14.76 11.99
C THR B 401 15.57 -15.29 11.08
N PRO B 402 15.78 -16.45 10.47
CA PRO B 402 14.72 -17.07 9.66
C PRO B 402 13.70 -17.80 10.53
N TYR B 403 12.89 -17.02 11.24
CA TYR B 403 11.89 -17.61 12.11
C TYR B 403 10.90 -18.45 11.30
N LYS B 404 10.40 -19.51 11.93
CA LYS B 404 9.55 -20.46 11.24
C LYS B 404 8.17 -19.87 10.97
N VAL B 405 7.60 -20.23 9.83
CA VAL B 405 6.23 -19.86 9.47
C VAL B 405 5.57 -21.07 8.84
N LEU B 406 4.40 -21.45 9.35
CA LEU B 406 3.67 -22.59 8.81
C LEU B 406 2.19 -22.22 8.73
N ALA B 407 1.66 -22.23 7.51
CA ALA B 407 0.21 -22.14 7.34
C ALA B 407 -0.42 -23.48 7.70
N THR B 408 -1.42 -23.44 8.57
CA THR B 408 -2.22 -24.62 8.88
C THR B 408 -3.53 -24.65 8.09
N SER B 409 -3.80 -23.60 7.32
CA SER B 409 -4.92 -23.50 6.41
C SER B 409 -4.78 -22.18 5.64
N THR B 410 -5.67 -21.92 4.70
CA THR B 410 -5.57 -20.64 3.98
C THR B 410 -5.93 -19.45 4.85
N LYS B 411 -6.43 -19.68 6.08
CA LYS B 411 -6.90 -18.59 6.93
C LYS B 411 -6.32 -18.63 8.34
N HIS B 412 -5.32 -19.48 8.60
CA HIS B 412 -4.66 -19.43 9.90
C HIS B 412 -3.32 -20.16 9.80
N GLY B 413 -2.49 -19.94 10.81
CA GLY B 413 -1.16 -20.52 10.83
C GLY B 413 -0.34 -19.99 11.99
N PHE B 414 0.87 -20.53 12.09
CA PHE B 414 1.78 -20.23 13.19
C PHE B 414 3.00 -19.46 12.69
N MET B 415 3.55 -18.64 13.59
CA MET B 415 4.86 -18.02 13.40
C MET B 415 5.66 -18.19 14.68
N GLN B 416 6.93 -18.54 14.53
CA GLN B 416 7.82 -18.67 15.67
C GLN B 416 8.18 -17.29 16.20
N PHE B 417 7.87 -17.04 17.47
CA PHE B 417 8.08 -15.72 18.05
C PHE B 417 9.51 -15.58 18.55
N ILE B 418 10.16 -14.51 18.13
CA ILE B 418 11.54 -14.20 18.50
C ILE B 418 11.50 -12.99 19.42
N GLN B 419 12.02 -13.14 20.64
CA GLN B 419 12.07 -12.00 21.55
C GLN B 419 12.92 -10.90 20.94
N SER B 420 12.36 -9.69 20.91
CA SER B 420 12.90 -8.62 20.06
C SER B 420 12.17 -7.32 20.38
N VAL B 421 12.71 -6.23 19.85
CA VAL B 421 12.08 -4.92 19.95
C VAL B 421 12.03 -4.29 18.56
N PRO B 422 10.89 -3.78 18.12
CA PRO B 422 10.87 -3.05 16.85
C PRO B 422 11.74 -1.81 16.93
N VAL B 423 12.39 -1.49 15.81
CA VAL B 423 13.25 -0.32 15.77
C VAL B 423 12.45 0.94 16.07
N ALA B 424 11.22 1.01 15.59
CA ALA B 424 10.36 2.16 15.88
C ALA B 424 10.21 2.35 17.38
N GLU B 425 10.08 1.26 18.14
CA GLU B 425 9.98 1.36 19.59
C GLU B 425 11.33 1.74 20.20
N VAL B 426 12.43 1.22 19.65
CA VAL B 426 13.75 1.58 20.16
C VAL B 426 13.97 3.08 20.01
N LEU B 427 13.58 3.65 18.86
CA LEU B 427 13.69 5.10 18.68
C LEU B 427 12.80 5.85 19.68
N ASP B 428 11.59 5.34 19.91
CA ASP B 428 10.66 6.04 20.79
C ASP B 428 11.18 6.09 22.22
N THR B 429 11.78 5.00 22.70
CA THR B 429 12.20 4.89 24.09
C THR B 429 13.65 5.26 24.33
N GLU B 430 14.56 4.85 23.43
CA GLU B 430 15.98 5.13 23.58
C GLU B 430 16.50 6.20 22.64
N GLY B 431 15.72 6.58 21.63
CA GLY B 431 16.10 7.62 20.70
C GLY B 431 17.01 7.18 19.57
N SER B 432 17.83 6.15 19.77
CA SER B 432 18.77 5.73 18.75
C SER B 432 19.11 4.26 18.97
N ILE B 433 19.42 3.58 17.86
CA ILE B 433 19.86 2.19 17.96
C ILE B 433 21.14 2.09 18.78
N GLN B 434 22.04 3.05 18.61
CA GLN B 434 23.28 3.06 19.39
C GLN B 434 22.99 3.21 20.88
N ASN B 435 22.07 4.11 21.24
CA ASN B 435 21.67 4.24 22.64
C ASN B 435 21.13 2.91 23.16
N PHE B 436 20.35 2.21 22.35
CA PHE B 436 19.85 0.89 22.73
C PHE B 436 21.00 -0.06 23.05
N PHE B 437 21.95 -0.20 22.12
CA PHE B 437 23.06 -1.12 22.33
C PHE B 437 23.92 -0.71 23.52
N ARG B 438 24.17 0.58 23.68
CA ARG B 438 24.97 1.03 24.81
C ARG B 438 24.30 0.72 26.13
N LYS B 439 22.96 0.78 26.16
CA LYS B 439 22.23 0.52 27.40
C LYS B 439 22.32 -0.96 27.79
N TYR B 440 22.11 -1.87 26.83
CA TYR B 440 22.01 -3.28 27.14
C TYR B 440 23.28 -4.08 26.84
N ALA B 441 24.26 -3.48 26.14
CA ALA B 441 25.52 -4.15 25.84
C ALA B 441 26.66 -3.13 25.86
N PRO B 442 26.87 -2.46 26.99
CA PRO B 442 27.94 -1.47 27.07
C PRO B 442 29.31 -2.12 27.03
N SER B 443 30.24 -1.41 26.41
CA SER B 443 31.65 -1.81 26.40
C SER B 443 32.46 -0.54 26.22
N GLU B 444 33.11 -0.08 27.30
CA GLU B 444 33.79 1.20 27.29
C GLU B 444 34.69 1.34 26.07
N ASN B 445 35.43 0.29 25.72
CA ASN B 445 36.40 0.36 24.64
C ASN B 445 35.90 -0.21 23.32
N GLY B 446 34.62 -0.60 23.26
CA GLY B 446 34.06 -1.11 22.03
C GLY B 446 33.68 0.01 21.08
N PRO B 447 33.24 -0.37 19.88
CA PRO B 447 32.86 0.64 18.89
C PRO B 447 31.70 1.50 19.40
N ASN B 448 31.95 2.80 19.48
CA ASN B 448 30.94 3.73 20.01
C ASN B 448 30.48 3.29 21.40
N GLY B 449 31.38 2.72 22.19
CA GLY B 449 31.03 2.25 23.52
C GLY B 449 30.13 1.04 23.55
N ILE B 450 30.00 0.33 22.44
CA ILE B 450 29.13 -0.84 22.36
C ILE B 450 29.98 -2.09 22.27
N SER B 451 29.46 -3.19 22.81
CA SER B 451 30.16 -4.47 22.74
C SER B 451 30.53 -4.80 21.31
N ALA B 452 31.79 -5.21 21.10
CA ALA B 452 32.25 -5.51 19.75
C ALA B 452 31.48 -6.68 19.16
N GLU B 453 31.19 -7.71 19.98
CA GLU B 453 30.42 -8.84 19.48
C GLU B 453 29.02 -8.42 19.06
N VAL B 454 28.39 -7.53 19.83
CA VAL B 454 27.05 -7.07 19.48
C VAL B 454 27.10 -6.25 18.20
N MET B 455 28.07 -5.34 18.08
CA MET B 455 28.18 -4.55 16.86
C MET B 455 28.51 -5.42 15.66
N ASP B 456 29.36 -6.43 15.85
CA ASP B 456 29.66 -7.36 14.76
C ASP B 456 28.41 -8.09 14.30
N THR B 457 27.58 -8.54 15.25
CA THR B 457 26.33 -9.20 14.90
C THR B 457 25.38 -8.26 14.18
N TYR B 458 25.31 -7.00 14.64
CA TYR B 458 24.44 -6.02 14.01
C TYR B 458 24.88 -5.76 12.57
N VAL B 459 26.17 -5.52 12.36
CA VAL B 459 26.67 -5.23 11.02
C VAL B 459 26.38 -6.41 10.09
N LYS B 460 26.63 -7.63 10.55
CA LYS B 460 26.44 -8.80 9.71
C LYS B 460 24.97 -8.99 9.35
N SER B 461 24.09 -8.93 10.34
CA SER B 461 22.67 -9.14 10.07
C SER B 461 22.08 -8.00 9.24
N CYS B 462 22.54 -6.76 9.46
CA CYS B 462 22.15 -5.67 8.58
C CYS B 462 22.54 -5.96 7.14
N ALA B 463 23.75 -6.46 6.93
CA ALA B 463 24.22 -6.79 5.59
C ALA B 463 23.39 -7.93 4.99
N GLY B 464 23.24 -9.01 5.73
CA GLY B 464 22.44 -10.13 5.24
C GLY B 464 21.06 -9.69 4.79
N TYR B 465 20.35 -8.96 5.65
CA TYR B 465 18.97 -8.58 5.32
C TYR B 465 18.93 -7.51 4.23
N CYS B 466 19.94 -6.64 4.17
CA CYS B 466 19.99 -5.66 3.09
C CYS B 466 20.00 -6.36 1.73
N VAL B 467 20.88 -7.35 1.57
CA VAL B 467 20.97 -8.05 0.29
C VAL B 467 19.73 -8.92 0.06
N ILE B 468 19.28 -9.62 1.10
CA ILE B 468 18.18 -10.57 0.91
C ILE B 468 16.88 -9.83 0.60
N THR B 469 16.56 -8.79 1.37
CA THR B 469 15.35 -8.04 1.08
C THR B 469 15.45 -7.31 -0.25
N TYR B 470 16.67 -6.95 -0.67
CA TYR B 470 16.83 -6.38 -2.00
C TYR B 470 16.53 -7.40 -3.08
N ILE B 471 17.05 -8.63 -2.93
CA ILE B 471 16.81 -9.65 -3.95
C ILE B 471 15.33 -9.99 -4.02
N LEU B 472 14.67 -10.12 -2.87
CA LEU B 472 13.27 -10.49 -2.84
C LEU B 472 12.32 -9.32 -3.06
N GLY B 473 12.86 -8.11 -3.22
CA GLY B 473 12.05 -6.93 -3.48
C GLY B 473 11.04 -6.59 -2.40
N VAL B 474 11.43 -6.72 -1.13
CA VAL B 474 10.51 -6.52 -0.03
C VAL B 474 10.20 -5.04 0.11
N GLY B 475 8.90 -4.70 0.16
CA GLY B 475 8.46 -3.36 0.40
C GLY B 475 7.85 -3.18 1.77
N ASP B 476 7.22 -2.02 1.97
CA ASP B 476 6.55 -1.70 3.23
C ASP B 476 7.53 -1.80 4.40
N ARG B 477 8.71 -1.21 4.21
CA ARG B 477 9.80 -1.32 5.17
C ARG B 477 9.78 -0.11 6.12
N HIS B 478 8.75 -0.08 6.96
CA HIS B 478 8.70 0.91 8.02
C HIS B 478 9.35 0.34 9.29
N LEU B 479 9.61 1.23 10.24
CA LEU B 479 10.44 0.87 11.39
C LEU B 479 9.76 -0.08 12.37
N ASP B 480 8.49 -0.41 12.17
CA ASP B 480 7.86 -1.45 12.97
C ASP B 480 8.04 -2.84 12.37
N ASN B 481 8.56 -2.92 11.15
CA ASN B 481 8.89 -4.19 10.52
C ASN B 481 10.39 -4.49 10.58
N LEU B 482 11.16 -3.63 11.23
CA LEU B 482 12.57 -3.89 11.54
C LEU B 482 12.67 -4.17 13.03
N LEU B 483 13.17 -5.36 13.37
CA LEU B 483 13.24 -5.78 14.77
C LEU B 483 14.69 -6.00 15.17
N LEU B 484 14.97 -5.77 16.45
CA LEU B 484 16.31 -5.81 17.00
C LEU B 484 16.33 -6.65 18.27
N THR B 485 17.40 -7.40 18.46
CA THR B 485 17.65 -8.12 19.71
C THR B 485 18.79 -7.44 20.46
N LYS B 486 18.87 -7.72 21.76
CA LYS B 486 19.91 -7.14 22.59
C LYS B 486 21.27 -7.77 22.33
N THR B 487 21.33 -8.85 21.55
CA THR B 487 22.60 -9.43 21.11
C THR B 487 23.10 -8.80 19.82
N GLY B 488 22.39 -7.81 19.29
CA GLY B 488 22.80 -7.12 18.08
C GLY B 488 22.13 -7.58 16.81
N LYS B 489 21.25 -8.58 16.88
CA LYS B 489 20.61 -9.10 15.68
C LYS B 489 19.50 -8.17 15.21
N LEU B 490 19.56 -7.80 13.93
CA LEU B 490 18.49 -7.09 13.26
C LEU B 490 17.85 -8.03 12.25
N PHE B 491 16.53 -7.97 12.14
CA PHE B 491 15.84 -8.81 11.16
C PHE B 491 14.52 -8.17 10.78
N HIS B 492 13.99 -8.61 9.65
CA HIS B 492 12.76 -8.08 9.07
C HIS B 492 11.59 -9.02 9.35
N ILE B 493 10.39 -8.44 9.38
CA ILE B 493 9.15 -9.19 9.55
C ILE B 493 8.09 -8.61 8.60
N ASP B 494 6.96 -9.30 8.53
CA ASP B 494 5.79 -8.82 7.82
C ASP B 494 6.05 -8.61 6.33
N PHE B 495 5.96 -9.69 5.56
CA PHE B 495 6.35 -9.66 4.14
C PHE B 495 5.12 -9.64 3.24
N GLY B 496 4.19 -8.73 3.54
CA GLY B 496 3.01 -8.53 2.72
C GLY B 496 3.25 -7.84 1.40
N TYR B 497 4.43 -7.26 1.22
CA TYR B 497 4.82 -6.60 -0.03
C TYR B 497 6.15 -7.16 -0.48
N ILE B 498 6.16 -7.89 -1.59
CA ILE B 498 7.38 -8.49 -2.12
C ILE B 498 7.45 -8.25 -3.63
N LEU B 499 8.59 -8.65 -4.20
CA LEU B 499 8.80 -8.65 -5.64
C LEU B 499 8.60 -7.26 -6.25
N GLY B 500 8.87 -6.21 -5.47
CA GLY B 500 8.81 -4.85 -5.97
C GLY B 500 7.57 -4.08 -5.61
N ARG B 501 6.55 -4.73 -5.04
CA ARG B 501 5.35 -4.01 -4.64
C ARG B 501 5.62 -3.22 -3.37
N ASP B 502 4.88 -2.12 -3.20
CA ASP B 502 5.08 -1.24 -2.06
C ASP B 502 3.89 -0.30 -1.92
N PRO B 503 3.54 0.08 -0.68
CA PRO B 503 2.44 1.04 -0.51
C PRO B 503 2.65 2.33 -1.29
N LYS B 504 3.86 2.88 -1.26
CA LYS B 504 4.16 4.10 -1.99
C LYS B 504 4.57 3.78 -3.41
N PRO B 505 4.47 4.77 -4.30
CA PRO B 505 5.02 4.60 -5.65
C PRO B 505 6.51 4.87 -5.66
N LEU B 506 7.15 4.42 -6.74
CA LEU B 506 8.58 4.61 -6.95
C LEU B 506 9.39 4.13 -5.74
N PRO B 507 9.21 2.88 -5.31
CA PRO B 507 9.99 2.37 -4.19
C PRO B 507 11.44 2.18 -4.59
N PRO B 508 12.38 2.63 -3.77
CA PRO B 508 13.80 2.47 -4.10
C PRO B 508 14.15 1.00 -4.22
N PRO B 509 15.02 0.63 -5.17
CA PRO B 509 15.36 -0.79 -5.32
C PRO B 509 15.98 -1.37 -4.07
N MET B 510 16.66 -0.55 -3.27
CA MET B 510 17.27 -0.98 -2.01
C MET B 510 16.67 -0.14 -0.90
N LYS B 511 15.92 -0.77 0.01
CA LYS B 511 15.20 -0.07 1.06
C LYS B 511 16.01 -0.11 2.35
N LEU B 512 16.92 0.85 2.47
CA LEU B 512 17.64 1.12 3.71
C LEU B 512 17.00 2.32 4.41
N ASN B 513 17.43 2.56 5.65
CA ASN B 513 16.95 3.73 6.38
C ASN B 513 18.05 4.28 7.28
N LYS B 514 17.88 5.56 7.60
CA LYS B 514 18.91 6.30 8.32
C LYS B 514 19.23 5.69 9.67
N GLU B 515 18.20 5.34 10.45
CA GLU B 515 18.42 4.84 11.80
C GLU B 515 19.26 3.55 11.78
N MET B 516 19.19 2.79 10.69
CA MET B 516 19.98 1.57 10.57
C MET B 516 21.45 1.90 10.33
N VAL B 517 21.73 2.82 9.39
CA VAL B 517 23.09 3.25 9.16
C VAL B 517 23.67 3.90 10.42
N GLU B 518 22.89 4.78 11.05
CA GLU B 518 23.34 5.41 12.28
C GLU B 518 23.62 4.38 13.36
N GLY B 519 22.88 3.26 13.36
CA GLY B 519 23.08 2.25 14.38
C GLY B 519 24.49 1.68 14.42
N MET B 520 25.16 1.60 13.27
CA MET B 520 26.50 1.07 13.20
C MET B 520 27.59 2.14 13.32
N GLY B 521 27.19 3.39 13.58
CA GLY B 521 28.13 4.48 13.73
C GLY B 521 28.13 5.50 12.60
N GLY B 522 27.23 5.37 11.63
CA GLY B 522 27.20 6.27 10.50
C GLY B 522 28.20 5.86 9.42
N THR B 523 28.11 6.55 8.29
CA THR B 523 29.00 6.24 7.18
C THR B 523 30.47 6.52 7.53
N GLN B 524 30.73 7.39 8.49
CA GLN B 524 32.10 7.67 8.90
C GLN B 524 32.70 6.56 9.74
N SER B 525 31.92 5.56 10.12
CA SER B 525 32.42 4.44 10.90
C SER B 525 33.06 3.39 9.99
N GLU B 526 34.08 2.72 10.51
CA GLU B 526 34.62 1.56 9.80
C GLU B 526 33.59 0.45 9.69
N GLN B 527 32.58 0.44 10.57
CA GLN B 527 31.52 -0.54 10.48
C GLN B 527 30.74 -0.41 9.18
N TYR B 528 30.65 0.81 8.63
CA TYR B 528 29.94 0.98 7.36
C TYR B 528 30.64 0.23 6.24
N GLN B 529 31.98 0.28 6.20
CA GLN B 529 32.69 -0.47 5.18
C GLN B 529 32.58 -1.97 5.42
N GLU B 530 32.65 -2.40 6.68
CA GLU B 530 32.41 -3.80 6.99
C GLU B 530 31.02 -4.23 6.54
N PHE B 531 30.03 -3.36 6.76
CA PHE B 531 28.67 -3.62 6.28
C PHE B 531 28.66 -3.77 4.77
N ARG B 532 29.30 -2.85 4.05
CA ARG B 532 29.38 -2.96 2.60
C ARG B 532 30.09 -4.24 2.19
N LYS B 533 31.20 -4.57 2.86
CA LYS B 533 31.95 -5.77 2.51
C LYS B 533 31.11 -7.03 2.68
N GLN B 534 30.34 -7.10 3.76
CA GLN B 534 29.51 -8.30 3.98
C GLN B 534 28.40 -8.38 2.94
N CYS B 535 27.84 -7.24 2.53
CA CYS B 535 26.85 -7.23 1.46
C CYS B 535 27.44 -7.79 0.18
N TYR B 536 28.61 -7.29 -0.23
CA TYR B 536 29.28 -7.82 -1.42
C TYR B 536 29.40 -9.34 -1.36
N THR B 537 29.90 -9.85 -0.23
CA THR B 537 30.14 -11.28 -0.09
C THR B 537 28.85 -12.07 -0.18
N ALA B 538 27.82 -11.63 0.55
CA ALA B 538 26.52 -12.31 0.48
C ALA B 538 25.93 -12.24 -0.92
N PHE B 539 26.09 -11.10 -1.59
CA PHE B 539 25.56 -10.94 -2.94
C PHE B 539 26.23 -11.93 -3.90
N LEU B 540 27.56 -12.00 -3.86
CA LEU B 540 28.28 -12.93 -4.75
C LEU B 540 27.92 -14.38 -4.45
N HIS B 541 27.75 -14.71 -3.16
CA HIS B 541 27.39 -16.08 -2.79
C HIS B 541 26.02 -16.46 -3.33
N LEU B 542 25.02 -15.61 -3.07
CA LEU B 542 23.66 -15.90 -3.52
C LEU B 542 23.55 -15.90 -5.04
N ARG B 543 24.32 -15.03 -5.71
CA ARG B 543 24.37 -15.05 -7.17
C ARG B 543 24.76 -16.43 -7.68
N ARG B 544 25.69 -17.09 -7.00
CA ARG B 544 26.14 -18.41 -7.43
C ARG B 544 25.07 -19.48 -7.27
N TYR B 545 24.05 -19.23 -6.45
CA TYR B 545 22.92 -20.14 -6.32
C TYR B 545 21.67 -19.59 -7.01
N SER B 546 21.85 -18.68 -7.97
CA SER B 546 20.70 -18.04 -8.61
C SER B 546 19.84 -19.05 -9.36
N ASN B 547 20.45 -20.07 -9.94
CA ASN B 547 19.67 -21.10 -10.64
C ASN B 547 18.73 -21.81 -9.69
N LEU B 548 19.20 -22.17 -8.50
CA LEU B 548 18.34 -22.82 -7.53
C LEU B 548 17.23 -21.89 -7.07
N ILE B 549 17.59 -20.66 -6.69
CA ILE B 549 16.60 -19.71 -6.20
C ILE B 549 15.57 -19.38 -7.29
N LEU B 550 16.04 -19.16 -8.51
CA LEU B 550 15.11 -18.86 -9.59
C LEU B 550 14.23 -20.05 -9.93
N ASN B 551 14.79 -21.26 -9.87
CA ASN B 551 13.99 -22.45 -10.13
C ASN B 551 12.89 -22.62 -9.09
N LEU B 552 13.21 -22.38 -7.82
CA LEU B 552 12.19 -22.49 -6.79
C LEU B 552 11.07 -21.48 -7.02
N PHE B 553 11.42 -20.26 -7.43
CA PHE B 553 10.37 -19.28 -7.73
C PHE B 553 9.58 -19.66 -8.97
N SER B 554 10.22 -20.33 -9.94
CA SER B 554 9.50 -20.77 -11.13
C SER B 554 8.42 -21.77 -10.77
N LEU B 555 8.61 -22.53 -9.69
CA LEU B 555 7.60 -23.49 -9.25
C LEU B 555 6.46 -22.83 -8.47
N MET B 556 6.57 -21.55 -8.15
CA MET B 556 5.54 -20.83 -7.42
C MET B 556 4.71 -19.91 -8.31
N VAL B 557 4.97 -19.88 -9.62
CA VAL B 557 4.36 -18.88 -10.49
C VAL B 557 2.85 -18.98 -10.48
N ASP B 558 2.30 -20.18 -10.31
CA ASP B 558 0.86 -20.39 -10.32
C ASP B 558 0.28 -20.51 -8.92
N ALA B 559 1.08 -20.24 -7.89
CA ALA B 559 0.63 -20.39 -6.52
C ALA B 559 -0.29 -19.24 -6.12
N ASN B 560 -1.14 -19.49 -5.13
N ASN B 560 -1.12 -19.49 -5.11
CA ASN B 560 -2.06 -18.48 -4.62
CA ASN B 560 -2.06 -18.50 -4.58
C ASN B 560 -1.33 -17.63 -3.58
C ASN B 560 -1.34 -17.61 -3.57
N ILE B 561 -0.37 -16.86 -4.09
CA ILE B 561 0.43 -15.93 -3.31
C ILE B 561 0.17 -14.54 -3.88
N PRO B 562 -0.29 -13.57 -3.08
CA PRO B 562 -0.82 -12.33 -3.68
C PRO B 562 0.13 -11.64 -4.64
N ASP B 563 1.35 -11.34 -4.22
CA ASP B 563 2.27 -10.57 -5.05
C ASP B 563 2.86 -11.37 -6.20
N ILE B 564 2.71 -12.70 -6.19
CA ILE B 564 3.00 -13.50 -7.36
C ILE B 564 1.81 -13.52 -8.30
N ALA B 565 0.61 -13.72 -7.76
CA ALA B 565 -0.58 -13.79 -8.59
C ALA B 565 -0.82 -12.52 -9.39
N LEU B 566 -0.31 -11.38 -8.89
CA LEU B 566 -0.46 -10.13 -9.62
C LEU B 566 0.09 -10.25 -11.04
N GLU B 567 1.26 -10.87 -11.18
CA GLU B 567 1.93 -11.01 -12.48
C GLU B 567 2.72 -12.30 -12.51
N PRO B 568 2.03 -13.44 -12.65
CA PRO B 568 2.75 -14.72 -12.72
C PRO B 568 3.84 -14.74 -13.79
N ASP B 569 3.56 -14.22 -14.98
CA ASP B 569 4.50 -14.34 -16.09
C ASP B 569 5.79 -13.56 -15.88
N LYS B 570 5.81 -12.62 -14.92
CA LYS B 570 6.97 -11.77 -14.69
C LYS B 570 7.59 -11.97 -13.32
N THR B 571 7.11 -12.94 -12.54
CA THR B 571 7.60 -13.12 -11.17
C THR B 571 9.07 -13.52 -11.16
N VAL B 572 9.44 -14.55 -11.93
CA VAL B 572 10.82 -15.02 -11.93
C VAL B 572 11.77 -13.92 -12.40
N LYS B 573 11.40 -13.20 -13.47
CA LYS B 573 12.26 -12.15 -13.99
C LYS B 573 12.53 -11.09 -12.93
N LYS B 574 11.54 -10.79 -12.09
CA LYS B 574 11.74 -9.79 -11.05
C LYS B 574 12.87 -10.17 -10.12
N VAL B 575 12.92 -11.45 -9.70
CA VAL B 575 14.03 -11.92 -8.88
C VAL B 575 15.30 -12.01 -9.70
N GLN B 576 15.21 -12.55 -10.93
CA GLN B 576 16.38 -12.74 -11.76
C GLN B 576 17.14 -11.44 -11.97
N ASP B 577 16.42 -10.34 -12.24
CA ASP B 577 17.08 -9.07 -12.50
C ASP B 577 17.92 -8.62 -11.31
N LYS B 578 17.49 -8.93 -10.09
CA LYS B 578 18.20 -8.47 -8.91
C LYS B 578 19.61 -9.06 -8.85
N PHE B 579 19.82 -10.24 -9.43
CA PHE B 579 21.13 -10.88 -9.38
C PHE B 579 22.13 -10.21 -10.31
N ARG B 580 21.66 -9.42 -11.27
CA ARG B 580 22.52 -8.78 -12.26
C ARG B 580 23.50 -9.80 -12.85
N LEU B 581 22.95 -10.92 -13.31
CA LEU B 581 23.76 -11.98 -13.90
C LEU B 581 24.47 -11.54 -15.18
N ASP B 582 24.06 -10.41 -15.76
CA ASP B 582 24.78 -9.82 -16.87
C ASP B 582 26.12 -9.23 -16.45
N LEU B 583 26.37 -9.12 -15.15
CA LEU B 583 27.58 -8.50 -14.62
C LEU B 583 28.54 -9.55 -14.08
N SER B 584 29.83 -9.34 -14.32
CA SER B 584 30.84 -10.17 -13.71
C SER B 584 30.81 -10.01 -12.19
N ASP B 585 31.55 -10.88 -11.50
CA ASP B 585 31.67 -10.76 -10.05
C ASP B 585 32.24 -9.40 -9.67
N GLU B 586 33.30 -8.97 -10.37
CA GLU B 586 33.87 -7.65 -10.09
C GLU B 586 32.88 -6.55 -10.40
N GLU B 587 32.18 -6.64 -11.53
CA GLU B 587 31.18 -5.64 -11.85
C GLU B 587 30.02 -5.68 -10.87
N ALA B 588 29.64 -6.87 -10.41
CA ALA B 588 28.53 -6.99 -9.47
C ALA B 588 28.87 -6.33 -8.13
N VAL B 589 30.12 -6.43 -7.70
CA VAL B 589 30.53 -5.78 -6.46
C VAL B 589 30.48 -4.27 -6.60
N HIS B 590 30.98 -3.75 -7.72
N HIS B 590 30.98 -3.75 -7.72
CA HIS B 590 30.89 -2.31 -7.98
CA HIS B 590 30.89 -2.31 -7.98
C HIS B 590 29.43 -1.86 -8.01
C HIS B 590 29.43 -1.86 -8.01
N TYR B 591 28.56 -2.64 -8.68
CA TYR B 591 27.15 -2.30 -8.73
C TYR B 591 26.53 -2.29 -7.33
N MET B 592 26.84 -3.30 -6.51
CA MET B 592 26.30 -3.35 -5.16
C MET B 592 26.82 -2.20 -4.31
N GLN B 593 28.10 -1.86 -4.47
CA GLN B 593 28.64 -0.69 -3.76
C GLN B 593 27.87 0.57 -4.13
N SER B 594 27.74 0.83 -5.43
CA SER B 594 27.00 2.01 -5.88
C SER B 594 25.59 2.01 -5.34
N LEU B 595 24.93 0.86 -5.34
CA LEU B 595 23.55 0.77 -4.87
C LEU B 595 23.45 1.12 -3.40
N ILE B 596 24.32 0.55 -2.57
CA ILE B 596 24.31 0.85 -1.15
C ILE B 596 24.61 2.33 -0.91
N ASP B 597 25.70 2.82 -1.50
CA ASP B 597 26.07 4.23 -1.33
C ASP B 597 24.96 5.14 -1.83
N GLU B 598 24.42 4.86 -3.01
CA GLU B 598 23.37 5.70 -3.58
C GLU B 598 22.15 5.75 -2.67
N SER B 599 21.74 4.60 -2.15
CA SER B 599 20.58 4.56 -1.24
C SER B 599 20.87 5.32 0.05
N VAL B 600 22.10 5.22 0.56
CA VAL B 600 22.44 5.92 1.80
C VAL B 600 22.59 7.41 1.55
N HIS B 601 23.15 7.78 0.40
N HIS B 601 23.10 7.80 0.38
CA HIS B 601 23.20 9.18 -0.03
CA HIS B 601 23.20 9.22 0.06
C HIS B 601 21.83 9.82 0.12
C HIS B 601 21.82 9.88 0.10
N ALA B 602 20.83 9.27 -0.58
CA ALA B 602 19.50 9.85 -0.58
C ALA B 602 18.91 9.92 0.82
N LEU B 603 19.23 8.95 1.67
CA LEU B 603 18.64 8.91 3.00
C LEU B 603 19.00 10.16 3.80
N PHE B 604 20.22 10.66 3.64
CA PHE B 604 20.66 11.83 4.39
C PHE B 604 20.49 13.11 3.57
#